data_6ERA
#
_entry.id   6ERA
#
_cell.length_a   53.860
_cell.length_b   64.940
_cell.length_c   187.590
_cell.angle_alpha   90.00
_cell.angle_beta   97.03
_cell.angle_gamma   90.00
#
_symmetry.space_group_name_H-M   'P 1 21 1'
#
loop_
_entity.id
_entity.type
_entity.pdbx_description
1 polymer 'Cyclohexanone monooxygenase'
2 non-polymer 'FLAVIN-ADENINE DINUCLEOTIDE'
3 non-polymer 'NADP NICOTINAMIDE-ADENINE-DINUCLEOTIDE PHOSPHATE'
4 water water
#
_entity_poly.entity_id   1
_entity_poly.type   'polypeptide(L)'
_entity_poly.pdbx_seq_one_letter_code
;MTAQISPTVVDAVVIGAGFGGIYAVHKLHNEQGLTVVGFDKADGPGGTWYWNRYPGALSDTESHLYRFSFDRDLLQDGTW
KTTYITQPEILEYLESVVDRFDLRRHFRFGTEVTSAIYLEDENLWEVSTDKGEVYRAKYVVNAVGLLSAINFPDLPGLDT
FEGETIHTAAWPEGKNLAGKRVGVIGTGSTGQQVITALAPEVEHLTVFVRTPQYSVPVGNRPVTKEQIDAIKADYDGIWD
SVKKSAVAAGFEESTLPAMSVSEEERNRIFQEAWDHGGGARFMFGTFGDIATDEAANEAAASFIRSKIAEIIEDPETARK
LMPTGLYAKRPLCDNGYYEVYNRPNVEAVAIKENPIREVTAKGVVTEDGVLHELDVLVFATGFDAVDGNYRRIEIRGRNG
LHINDHWDGQPTSYLGVTTANFPNWFMVLGPNGPATNLPPSIETQVEWISDTVAYAERNEIRAIEPTPEAEEEWTQTCTD
IANATLFTRGDSWIFGANVPGKKPSVLFYLGGLGNYRNVLAGVVADSYRGFELKSAVPVTALEHHHHHH
;
_entity_poly.pdbx_strand_id   A,B
#
loop_
_chem_comp.id
_chem_comp.type
_chem_comp.name
_chem_comp.formula
FAD non-polymer 'FLAVIN-ADENINE DINUCLEOTIDE' 'C27 H33 N9 O15 P2'
NAP non-polymer 'NADP NICOTINAMIDE-ADENINE-DINUCLEOTIDE PHOSPHATE' 'C21 H28 N7 O17 P3'
#
# COMPACT_ATOMS: atom_id res chain seq x y z
N ILE A 5 -7.50 14.39 64.58
CA ILE A 5 -8.79 14.04 63.97
C ILE A 5 -8.74 12.60 63.46
N SER A 6 -9.91 11.96 63.37
CA SER A 6 -9.99 10.57 62.92
C SER A 6 -9.95 10.49 61.40
N PRO A 7 -9.21 9.54 60.83
CA PRO A 7 -9.10 9.46 59.37
C PRO A 7 -10.39 8.96 58.73
N THR A 8 -10.52 9.30 57.45
CA THR A 8 -11.65 8.80 56.67
C THR A 8 -11.37 7.36 56.22
N VAL A 9 -12.36 6.49 56.40
CA VAL A 9 -12.22 5.07 56.14
C VAL A 9 -12.96 4.74 54.86
N VAL A 10 -12.25 4.19 53.88
CA VAL A 10 -12.81 3.87 52.58
C VAL A 10 -12.31 2.50 52.15
N ASP A 11 -13.02 1.89 51.21
CA ASP A 11 -12.56 0.62 50.64
C ASP A 11 -11.19 0.77 49.96
N ALA A 12 -11.05 1.76 49.07
CA ALA A 12 -9.87 1.80 48.19
C ALA A 12 -9.33 3.22 47.97
N VAL A 13 -8.01 3.34 47.99
CA VAL A 13 -7.31 4.56 47.61
C VAL A 13 -6.62 4.32 46.27
N VAL A 14 -6.72 5.30 45.36
CA VAL A 14 -6.04 5.27 44.07
C VAL A 14 -5.06 6.43 44.01
N ILE A 15 -3.83 6.16 43.57
CA ILE A 15 -2.81 7.20 43.45
C ILE A 15 -2.51 7.42 41.96
N GLY A 16 -2.69 8.67 41.50
CA GLY A 16 -2.47 9.05 40.12
C GLY A 16 -3.74 9.14 39.28
N ALA A 17 -3.86 10.16 38.42
CA ALA A 17 -5.07 10.39 37.65
C ALA A 17 -4.79 10.42 36.15
N GLY A 18 -3.88 9.58 35.67
CA GLY A 18 -3.68 9.32 34.26
C GLY A 18 -4.61 8.24 33.75
N PHE A 19 -4.21 7.57 32.67
CA PHE A 19 -4.97 6.45 32.12
C PHE A 19 -5.28 5.43 33.21
N GLY A 20 -4.25 5.00 33.96
CA GLY A 20 -4.45 3.94 34.93
C GLY A 20 -5.39 4.33 36.06
N GLY A 21 -5.16 5.50 36.67
CA GLY A 21 -5.96 5.91 37.80
C GLY A 21 -7.42 6.17 37.45
N ILE A 22 -7.66 6.83 36.32
CA ILE A 22 -9.01 7.06 35.83
C ILE A 22 -9.77 5.75 35.69
N TYR A 23 -9.12 4.72 35.12
CA TYR A 23 -9.83 3.47 34.91
C TYR A 23 -10.07 2.72 36.23
N ALA A 24 -9.11 2.79 37.16
CA ALA A 24 -9.26 2.09 38.42
C ALA A 24 -10.42 2.65 39.24
N VAL A 25 -10.53 3.97 39.33
CA VAL A 25 -11.63 4.58 40.07
C VAL A 25 -12.97 4.20 39.44
N HIS A 26 -13.04 4.17 38.10
CA HIS A 26 -14.28 3.80 37.44
C HIS A 26 -14.66 2.33 37.72
N LYS A 27 -13.67 1.43 37.71
CA LYS A 27 -13.98 0.02 37.99
C LYS A 27 -14.33 -0.19 39.46
N LEU A 28 -13.55 0.42 40.36
CA LEU A 28 -13.75 0.19 41.78
C LEU A 28 -15.05 0.81 42.28
N HIS A 29 -15.35 2.04 41.86
CA HIS A 29 -16.56 2.70 42.32
C HIS A 29 -17.79 2.34 41.46
N ASN A 30 -17.75 2.65 40.17
CA ASN A 30 -18.95 2.50 39.34
C ASN A 30 -19.33 1.04 39.13
N GLU A 31 -18.35 0.14 38.99
CA GLU A 31 -18.72 -1.24 38.73
C GLU A 31 -18.98 -2.03 40.02
N GLN A 32 -18.07 -1.95 40.99
CA GLN A 32 -18.17 -2.73 42.22
C GLN A 32 -18.86 -2.02 43.37
N GLY A 33 -19.13 -0.71 43.25
CA GLY A 33 -19.82 -0.01 44.32
C GLY A 33 -18.98 0.33 45.52
N LEU A 34 -17.66 0.17 45.44
CA LEU A 34 -16.80 0.45 46.58
C LEU A 34 -16.60 1.95 46.75
N THR A 35 -16.39 2.38 48.01
CA THR A 35 -15.99 3.74 48.28
C THR A 35 -14.52 3.91 47.94
N VAL A 36 -14.19 5.02 47.28
CA VAL A 36 -12.91 5.23 46.62
C VAL A 36 -12.54 6.70 46.72
N VAL A 37 -11.28 6.97 47.02
CA VAL A 37 -10.74 8.32 46.88
C VAL A 37 -9.43 8.26 46.08
N GLY A 38 -9.27 9.21 45.15
CA GLY A 38 -8.09 9.28 44.31
C GLY A 38 -7.37 10.59 44.51
N PHE A 39 -6.06 10.59 44.23
CA PHE A 39 -5.19 11.75 44.38
C PHE A 39 -4.32 11.93 43.14
N ASP A 40 -3.84 13.17 42.96
CA ASP A 40 -2.80 13.49 41.99
C ASP A 40 -2.21 14.85 42.31
N LYS A 41 -0.88 14.97 42.15
CA LYS A 41 -0.21 16.27 42.30
C LYS A 41 -0.73 17.29 41.28
N ALA A 42 -1.19 16.84 40.12
CA ALA A 42 -1.68 17.74 39.10
C ALA A 42 -2.98 18.42 39.54
N ASP A 43 -3.25 19.58 38.94
CA ASP A 43 -4.50 20.29 39.19
C ASP A 43 -5.69 19.68 38.45
N GLY A 44 -5.45 18.66 37.62
CA GLY A 44 -6.53 18.00 36.93
C GLY A 44 -6.10 16.64 36.41
N PRO A 45 -7.03 15.90 35.78
CA PRO A 45 -6.67 14.59 35.21
C PRO A 45 -5.84 14.74 33.94
N GLY A 46 -5.24 13.62 33.53
CA GLY A 46 -4.44 13.58 32.32
C GLY A 46 -3.15 12.81 32.47
N GLY A 47 -2.57 12.85 33.68
CA GLY A 47 -1.31 12.16 33.94
C GLY A 47 -0.19 12.73 33.08
N THR A 48 0.50 11.85 32.34
CA THR A 48 1.64 12.30 31.56
C THR A 48 1.23 13.35 30.53
N TRP A 49 -0.03 13.30 30.08
CA TRP A 49 -0.57 14.25 29.12
C TRP A 49 -1.03 15.55 29.77
N TYR A 50 -0.99 15.63 31.11
CA TYR A 50 -1.18 16.89 31.80
C TYR A 50 0.14 17.64 31.96
N TRP A 51 1.21 16.91 32.25
CA TRP A 51 2.49 17.55 32.53
C TRP A 51 3.23 17.97 31.24
N ASN A 52 3.13 17.19 30.16
CA ASN A 52 3.99 17.34 28.98
C ASN A 52 3.24 18.05 27.85
N ARG A 53 3.41 19.36 27.76
CA ARG A 53 2.75 20.16 26.74
C ARG A 53 3.75 20.86 25.82
N TYR A 54 4.94 20.29 25.66
CA TYR A 54 5.90 20.85 24.72
C TYR A 54 5.38 20.72 23.29
N PRO A 55 5.76 21.65 22.41
CA PRO A 55 5.29 21.56 21.02
C PRO A 55 5.84 20.30 20.35
N GLY A 56 4.97 19.63 19.60
CA GLY A 56 5.32 18.39 18.94
C GLY A 56 4.92 17.12 19.68
N ALA A 57 4.42 17.23 20.92
CA ALA A 57 4.01 16.05 21.66
C ALA A 57 3.01 15.22 20.86
N LEU A 58 3.25 13.91 20.78
CA LEU A 58 2.54 13.03 19.86
C LEU A 58 2.42 11.64 20.46
N SER A 59 1.33 10.96 20.10
CA SER A 59 1.14 9.56 20.45
C SER A 59 2.08 8.67 19.65
N ASP A 60 2.67 7.67 20.31
CA ASP A 60 3.52 6.69 19.63
C ASP A 60 2.70 5.60 18.94
N THR A 61 1.42 5.48 19.29
CA THR A 61 0.49 4.55 18.67
C THR A 61 -0.56 5.34 17.89
N GLU A 62 -1.14 4.71 16.87
CA GLU A 62 -2.10 5.38 15.99
C GLU A 62 -3.40 5.72 16.72
N SER A 63 -4.11 6.72 16.17
CA SER A 63 -5.20 7.39 16.87
C SER A 63 -6.29 6.41 17.29
N HIS A 64 -6.75 5.57 16.36
CA HIS A 64 -7.87 4.68 16.67
C HIS A 64 -7.52 3.67 17.76
N LEU A 65 -6.24 3.53 18.13
CA LEU A 65 -5.84 2.61 19.18
C LEU A 65 -5.27 3.30 20.43
N TYR A 66 -5.04 4.60 20.42
CA TYR A 66 -4.48 5.25 21.62
C TYR A 66 -5.62 5.82 22.47
N ARG A 67 -6.38 4.91 23.08
CA ARG A 67 -7.59 5.24 23.82
C ARG A 67 -8.03 4.00 24.59
N PHE A 68 -9.11 4.12 25.37
CA PHE A 68 -9.71 2.99 26.07
C PHE A 68 -10.50 2.11 25.09
N SER A 69 -10.63 0.83 25.43
CA SER A 69 -11.47 -0.10 24.69
C SER A 69 -12.59 -0.75 25.50
N PHE A 70 -12.72 -0.46 26.80
CA PHE A 70 -13.67 -1.23 27.61
C PHE A 70 -15.14 -0.88 27.33
N ASP A 71 -15.43 0.31 26.83
CA ASP A 71 -16.80 0.77 26.61
C ASP A 71 -17.07 0.87 25.11
N ARG A 72 -18.02 0.07 24.63
CA ARG A 72 -18.34 0.05 23.20
C ARG A 72 -19.02 1.34 22.74
N ASP A 73 -19.81 1.98 23.61
CA ASP A 73 -20.46 3.23 23.21
C ASP A 73 -19.44 4.35 23.06
N LEU A 74 -18.43 4.37 23.93
CA LEU A 74 -17.42 5.41 23.85
C LEU A 74 -16.58 5.27 22.58
N LEU A 75 -16.20 4.03 22.22
CA LEU A 75 -15.47 3.82 20.97
C LEU A 75 -16.27 4.29 19.76
N GLN A 76 -17.59 4.07 19.76
CA GLN A 76 -18.36 4.49 18.59
C GLN A 76 -18.56 6.00 18.52
N ASP A 77 -18.25 6.74 19.58
CA ASP A 77 -18.34 8.20 19.59
C ASP A 77 -17.02 8.89 19.27
N GLY A 78 -15.93 8.14 19.10
CA GLY A 78 -14.65 8.76 18.93
C GLY A 78 -14.51 9.47 17.60
N THR A 79 -13.60 10.43 17.60
CA THR A 79 -13.28 11.15 16.38
C THR A 79 -11.85 11.65 16.49
N TRP A 80 -11.21 11.83 15.33
CA TRP A 80 -9.84 12.30 15.25
C TRP A 80 -9.57 12.74 13.82
N LYS A 81 -8.49 13.51 13.63
CA LYS A 81 -8.23 14.16 12.36
C LYS A 81 -7.08 13.55 11.58
N THR A 82 -6.07 13.03 12.24
CA THR A 82 -4.90 12.48 11.59
C THR A 82 -4.60 11.09 12.17
N THR A 83 -3.72 10.34 11.50
CA THR A 83 -3.50 8.96 11.92
C THR A 83 -2.84 8.87 13.30
N TYR A 84 -2.26 9.95 13.80
CA TYR A 84 -1.75 10.07 15.16
C TYR A 84 -2.42 11.28 15.83
N ILE A 85 -2.30 11.37 17.15
CA ILE A 85 -2.97 12.45 17.87
C ILE A 85 -1.98 13.19 18.76
N THR A 86 -2.25 14.47 18.94
CA THR A 86 -1.42 15.36 19.74
C THR A 86 -1.85 15.37 21.21
N GLN A 87 -0.99 15.98 22.04
CA GLN A 87 -1.28 16.08 23.47
C GLN A 87 -2.59 16.82 23.74
N PRO A 88 -2.89 17.97 23.10
CA PRO A 88 -4.18 18.61 23.39
C PRO A 88 -5.37 17.71 23.13
N GLU A 89 -5.31 16.87 22.10
CA GLU A 89 -6.43 15.96 21.82
C GLU A 89 -6.52 14.86 22.88
N ILE A 90 -5.39 14.29 23.28
CA ILE A 90 -5.39 13.22 24.27
C ILE A 90 -5.88 13.76 25.61
N LEU A 91 -5.44 14.98 25.96
CA LEU A 91 -5.88 15.60 27.21
C LEU A 91 -7.38 15.84 27.21
N GLU A 92 -7.92 16.33 26.09
CA GLU A 92 -9.36 16.55 25.99
C GLU A 92 -10.12 15.23 26.03
N TYR A 93 -9.56 14.17 25.46
CA TYR A 93 -10.20 12.86 25.48
C TYR A 93 -10.31 12.32 26.90
N LEU A 94 -9.22 12.40 27.69
CA LEU A 94 -9.25 11.92 29.07
C LEU A 94 -10.17 12.78 29.93
N GLU A 95 -10.24 14.09 29.66
CA GLU A 95 -11.13 14.93 30.42
C GLU A 95 -12.58 14.57 30.16
N SER A 96 -12.92 14.19 28.92
CA SER A 96 -14.30 13.86 28.62
C SER A 96 -14.68 12.50 29.18
N VAL A 97 -13.74 11.56 29.22
CA VAL A 97 -13.99 10.28 29.88
C VAL A 97 -14.30 10.50 31.36
N VAL A 98 -13.55 11.40 32.00
CA VAL A 98 -13.77 11.69 33.42
C VAL A 98 -15.19 12.22 33.65
N ASP A 99 -15.64 13.14 32.79
CA ASP A 99 -16.97 13.69 32.91
C ASP A 99 -18.04 12.66 32.54
N ARG A 100 -17.76 11.77 31.59
CA ARG A 100 -18.79 10.82 31.16
C ARG A 100 -19.16 9.84 32.25
N PHE A 101 -18.19 9.45 33.09
CA PHE A 101 -18.40 8.45 34.12
C PHE A 101 -18.46 9.06 35.52
N ASP A 102 -18.59 10.38 35.62
CA ASP A 102 -18.77 11.10 36.90
C ASP A 102 -17.66 10.72 37.88
N LEU A 103 -16.42 10.84 37.43
CA LEU A 103 -15.26 10.48 38.24
C LEU A 103 -14.63 11.65 38.97
N ARG A 104 -14.96 12.89 38.57
CA ARG A 104 -14.21 14.03 39.07
C ARG A 104 -14.39 14.20 40.57
N ARG A 105 -15.59 13.95 41.10
CA ARG A 105 -15.83 14.15 42.53
C ARG A 105 -15.07 13.16 43.41
N HIS A 106 -14.51 12.10 42.84
CA HIS A 106 -13.77 11.12 43.61
C HIS A 106 -12.31 11.47 43.80
N PHE A 107 -11.83 12.55 43.19
CA PHE A 107 -10.41 12.88 43.17
C PHE A 107 -10.12 14.10 44.04
N ARG A 108 -8.94 14.12 44.65
CA ARG A 108 -8.37 15.30 45.27
C ARG A 108 -7.18 15.75 44.42
N PHE A 109 -7.39 16.79 43.63
CA PHE A 109 -6.36 17.29 42.73
C PHE A 109 -5.41 18.24 43.46
N GLY A 110 -4.20 18.37 42.91
CA GLY A 110 -3.22 19.23 43.55
C GLY A 110 -2.71 18.72 44.88
N THR A 111 -2.93 17.44 45.16
CA THR A 111 -2.58 16.83 46.45
C THR A 111 -1.60 15.70 46.20
N GLU A 112 -0.57 15.62 47.04
CA GLU A 112 0.41 14.55 46.94
C GLU A 112 0.24 13.55 48.08
N VAL A 113 0.41 12.27 47.77
CA VAL A 113 0.50 11.24 48.78
C VAL A 113 1.94 11.17 49.27
N THR A 114 2.15 11.41 50.56
CA THR A 114 3.50 11.45 51.12
C THR A 114 3.90 10.19 51.87
N SER A 115 2.92 9.39 52.35
CA SER A 115 3.23 8.17 53.07
C SER A 115 2.07 7.18 52.98
N ALA A 116 2.40 5.89 53.05
CA ALA A 116 1.43 4.80 53.03
C ALA A 116 1.92 3.72 53.98
N ILE A 117 1.28 3.60 55.14
CA ILE A 117 1.74 2.72 56.21
C ILE A 117 0.70 1.64 56.47
N TYR A 118 1.09 0.38 56.24
CA TYR A 118 0.20 -0.75 56.50
C TYR A 118 0.16 -1.05 57.99
N LEU A 119 -1.05 -1.19 58.53
CA LEU A 119 -1.27 -1.50 59.94
C LEU A 119 -1.84 -2.91 60.04
N GLU A 120 -1.01 -3.86 60.45
CA GLU A 120 -1.38 -5.28 60.37
C GLU A 120 -2.49 -5.64 61.35
N ASP A 121 -2.56 -4.99 62.51
CA ASP A 121 -3.60 -5.35 63.48
C ASP A 121 -4.98 -5.00 62.96
N GLU A 122 -5.10 -3.92 62.20
CA GLU A 122 -6.38 -3.51 61.62
C GLU A 122 -6.57 -3.98 60.19
N ASN A 123 -5.52 -4.51 59.56
CA ASN A 123 -5.56 -4.88 58.14
C ASN A 123 -6.06 -3.71 57.29
N LEU A 124 -5.50 -2.53 57.54
CA LEU A 124 -5.82 -1.33 56.76
C LEU A 124 -4.55 -0.55 56.46
N TRP A 125 -4.58 0.21 55.35
CA TRP A 125 -3.48 1.09 54.96
C TRP A 125 -3.79 2.52 55.40
N GLU A 126 -2.83 3.17 56.06
CA GLU A 126 -2.96 4.56 56.48
C GLU A 126 -2.24 5.45 55.48
N VAL A 127 -3.00 6.30 54.79
CA VAL A 127 -2.47 7.16 53.73
C VAL A 127 -2.60 8.60 54.20
N SER A 128 -1.50 9.34 54.12
CA SER A 128 -1.44 10.73 54.53
C SER A 128 -0.93 11.60 53.38
N THR A 129 -1.44 12.83 53.31
CA THR A 129 -1.18 13.73 52.22
C THR A 129 -0.24 14.85 52.64
N ASP A 130 0.31 15.54 51.64
CA ASP A 130 1.15 16.71 51.89
C ASP A 130 0.34 17.89 52.40
N LYS A 131 -0.99 17.85 52.25
CA LYS A 131 -1.86 18.94 52.67
C LYS A 131 -2.56 18.67 53.99
N GLY A 132 -2.18 17.61 54.71
CA GLY A 132 -2.64 17.44 56.07
C GLY A 132 -3.54 16.26 56.37
N GLU A 133 -4.49 15.94 55.48
CA GLU A 133 -5.52 14.98 55.81
C GLU A 133 -4.97 13.55 55.79
N VAL A 134 -5.72 12.65 56.44
CA VAL A 134 -5.31 11.27 56.66
C VAL A 134 -6.47 10.35 56.33
N TYR A 135 -6.20 9.30 55.56
CA TYR A 135 -7.20 8.29 55.20
C TYR A 135 -6.72 6.92 55.61
N ARG A 136 -7.68 6.02 55.82
CA ARG A 136 -7.42 4.60 55.97
C ARG A 136 -8.21 3.85 54.92
N ALA A 137 -7.61 2.81 54.36
CA ALA A 137 -8.24 2.09 53.27
C ALA A 137 -7.83 0.62 53.35
N LYS A 138 -8.67 -0.22 52.76
CA LYS A 138 -8.38 -1.66 52.68
C LYS A 138 -7.47 -1.99 51.48
N TYR A 139 -7.63 -1.31 50.35
CA TYR A 139 -6.82 -1.56 49.16
C TYR A 139 -6.18 -0.27 48.67
N VAL A 140 -4.91 -0.33 48.29
CA VAL A 140 -4.22 0.79 47.63
C VAL A 140 -3.82 0.36 46.22
N VAL A 141 -4.19 1.18 45.24
CA VAL A 141 -3.81 0.98 43.85
C VAL A 141 -2.87 2.11 43.45
N ASN A 142 -1.67 1.75 43.01
CA ASN A 142 -0.61 2.71 42.64
C ASN A 142 -0.55 2.81 41.12
N ALA A 143 -0.98 3.96 40.59
CA ALA A 143 -0.85 4.25 39.17
C ALA A 143 0.01 5.51 39.01
N VAL A 144 1.25 5.42 39.45
CA VAL A 144 2.06 6.60 39.68
C VAL A 144 2.99 6.91 38.51
N GLY A 145 2.85 6.19 37.39
CA GLY A 145 3.64 6.49 36.21
C GLY A 145 5.15 6.32 36.38
N LEU A 146 5.87 6.94 35.45
CA LEU A 146 7.33 6.86 35.39
C LEU A 146 7.98 8.24 35.44
N LEU A 147 7.26 9.25 35.95
CA LEU A 147 7.77 10.62 35.96
C LEU A 147 9.13 10.69 36.67
N SER A 148 9.25 10.09 37.85
CA SER A 148 10.44 10.15 38.69
C SER A 148 10.76 11.64 38.92
N ALA A 149 11.89 12.16 38.46
CA ALA A 149 12.25 13.56 38.62
C ALA A 149 13.06 14.03 37.42
N ILE A 150 12.85 15.28 37.02
CA ILE A 150 13.46 15.78 35.80
C ILE A 150 14.99 15.83 35.95
N ASN A 151 15.68 15.64 34.83
CA ASN A 151 17.13 15.70 34.77
C ASN A 151 17.55 17.08 34.30
N PHE A 152 18.50 17.69 34.99
CA PHE A 152 19.02 18.99 34.63
C PHE A 152 20.53 18.96 34.63
N PRO A 153 21.13 19.19 33.50
CA PRO A 153 22.61 19.21 33.44
C PRO A 153 23.15 20.52 33.97
N ASP A 154 23.97 20.44 35.02
CA ASP A 154 24.50 21.64 35.66
C ASP A 154 25.71 22.13 34.88
N LEU A 155 25.45 22.96 33.86
CA LEU A 155 26.54 23.49 33.06
C LEU A 155 27.22 24.64 33.79
N PRO A 156 28.54 24.74 33.68
CA PRO A 156 29.27 25.78 34.42
C PRO A 156 28.73 27.18 34.13
N GLY A 157 28.51 27.94 35.18
CA GLY A 157 28.00 29.30 35.03
C GLY A 157 26.64 29.38 34.38
N LEU A 158 25.73 28.48 34.75
CA LEU A 158 24.41 28.48 34.13
C LEU A 158 23.63 29.75 34.46
N ASP A 159 23.58 30.11 35.74
CA ASP A 159 22.73 31.22 36.16
C ASP A 159 23.37 32.56 35.82
N THR A 160 24.17 32.58 34.76
CA THR A 160 24.66 33.81 34.14
C THR A 160 23.76 34.24 32.99
N PHE A 161 23.10 33.28 32.34
CA PHE A 161 22.28 33.52 31.17
C PHE A 161 21.18 34.53 31.45
N GLU A 162 21.07 35.55 30.60
CA GLU A 162 20.03 36.57 30.73
C GLU A 162 18.78 36.20 29.95
N GLY A 163 18.73 35.00 29.40
CA GLY A 163 17.59 34.53 28.65
C GLY A 163 16.71 33.60 29.48
N GLU A 164 15.85 32.86 28.77
CA GLU A 164 14.92 31.95 29.40
C GLU A 164 15.47 30.54 29.40
N THR A 165 15.20 29.80 30.48
CA THR A 165 15.52 28.39 30.60
C THR A 165 14.22 27.63 30.70
N ILE A 166 14.00 26.70 29.76
CA ILE A 166 12.78 25.90 29.71
C ILE A 166 13.15 24.43 29.61
N HIS A 167 12.55 23.61 30.48
CA HIS A 167 12.64 22.17 30.40
C HIS A 167 11.36 21.63 29.76
N THR A 168 11.51 20.62 28.91
CA THR A 168 10.36 20.13 28.15
C THR A 168 9.26 19.61 29.05
N ALA A 169 9.60 19.15 30.26
CA ALA A 169 8.59 18.65 31.18
C ALA A 169 7.79 19.75 31.87
N ALA A 170 8.19 21.01 31.72
CA ALA A 170 7.51 22.16 32.32
C ALA A 170 7.30 23.26 31.29
N TRP A 171 6.75 22.91 30.14
CA TRP A 171 6.56 23.91 29.10
C TRP A 171 5.43 24.84 29.52
N PRO A 172 5.67 26.15 29.60
CA PRO A 172 4.58 27.08 29.92
C PRO A 172 3.71 27.27 28.67
N GLU A 173 2.46 26.82 28.76
CA GLU A 173 1.58 26.85 27.61
C GLU A 173 1.42 28.27 27.08
N GLY A 174 1.23 28.36 25.77
CA GLY A 174 1.13 29.65 25.11
C GLY A 174 2.45 30.36 24.91
N LYS A 175 3.58 29.74 25.24
CA LYS A 175 4.87 30.40 25.02
C LYS A 175 5.15 30.51 23.54
N ASN A 176 5.56 31.70 23.10
CA ASN A 176 5.73 32.01 21.69
C ASN A 176 7.21 32.28 21.42
N LEU A 177 7.83 31.40 20.63
CA LEU A 177 9.25 31.48 20.29
C LEU A 177 9.47 31.91 18.85
N ALA A 178 8.41 32.30 18.14
CA ALA A 178 8.55 32.76 16.77
C ALA A 178 9.45 33.99 16.70
N GLY A 179 10.58 33.84 16.03
CA GLY A 179 11.53 34.92 15.86
C GLY A 179 12.61 35.03 16.90
N LYS A 180 12.85 33.97 17.67
CA LYS A 180 13.88 33.96 18.70
C LYS A 180 15.05 33.06 18.29
N ARG A 181 16.16 33.20 19.03
CA ARG A 181 17.30 32.31 18.88
C ARG A 181 17.24 31.27 19.99
N VAL A 182 17.13 30.00 19.61
CA VAL A 182 16.82 28.91 20.53
C VAL A 182 17.90 27.85 20.45
N GLY A 183 18.34 27.37 21.61
CA GLY A 183 19.17 26.18 21.69
C GLY A 183 18.37 25.03 22.28
N VAL A 184 18.71 23.81 21.87
CA VAL A 184 18.11 22.60 22.42
C VAL A 184 19.23 21.63 22.76
N ILE A 185 19.19 21.06 23.95
CA ILE A 185 20.07 19.96 24.35
C ILE A 185 19.20 18.73 24.57
N GLY A 186 19.56 17.62 23.95
CA GLY A 186 18.77 16.41 24.04
C GLY A 186 18.17 16.02 22.71
N THR A 187 18.40 14.77 22.28
CA THR A 187 17.91 14.32 21.00
C THR A 187 17.19 12.97 21.13
N GLY A 188 16.50 12.77 22.25
CA GLY A 188 15.64 11.61 22.42
C GLY A 188 14.34 11.78 21.64
N SER A 189 13.31 11.07 22.09
CA SER A 189 12.01 11.23 21.45
C SER A 189 11.45 12.63 21.63
N THR A 190 11.61 13.20 22.83
CA THR A 190 11.10 14.55 23.07
C THR A 190 11.89 15.60 22.28
N GLY A 191 13.22 15.50 22.30
CA GLY A 191 14.04 16.44 21.56
C GLY A 191 13.70 16.47 20.08
N GLN A 192 13.62 15.29 19.46
CA GLN A 192 13.27 15.21 18.04
C GLN A 192 11.93 15.88 17.76
N GLN A 193 10.95 15.68 18.64
CA GLN A 193 9.64 16.25 18.40
C GLN A 193 9.66 17.77 18.57
N VAL A 194 10.40 18.26 19.56
CA VAL A 194 10.49 19.71 19.77
C VAL A 194 11.29 20.36 18.65
N ILE A 195 12.44 19.76 18.29
CA ILE A 195 13.28 20.29 17.21
C ILE A 195 12.48 20.45 15.92
N THR A 196 11.64 19.46 15.59
CA THR A 196 10.86 19.52 14.36
C THR A 196 9.80 20.62 14.42
N ALA A 197 9.21 20.83 15.59
CA ALA A 197 8.12 21.81 15.72
C ALA A 197 8.64 23.24 15.81
N LEU A 198 9.81 23.45 16.40
CA LEU A 198 10.33 24.81 16.55
C LEU A 198 10.96 25.33 15.25
N ALA A 199 11.66 24.47 14.52
CA ALA A 199 12.49 24.94 13.40
C ALA A 199 11.75 25.80 12.35
N PRO A 200 10.52 25.50 11.93
CA PRO A 200 9.87 26.38 10.94
C PRO A 200 9.41 27.72 11.49
N GLU A 201 9.43 27.92 12.81
CA GLU A 201 8.93 29.17 13.40
C GLU A 201 10.01 30.02 14.05
N VAL A 202 11.18 29.48 14.37
CA VAL A 202 12.18 30.24 15.11
C VAL A 202 13.09 30.97 14.13
N GLU A 203 13.80 31.97 14.65
CA GLU A 203 14.75 32.72 13.83
C GLU A 203 16.04 31.93 13.62
N HIS A 204 16.46 31.16 14.63
CA HIS A 204 17.62 30.28 14.51
C HIS A 204 17.51 29.19 15.56
N LEU A 205 18.04 28.01 15.22
CA LEU A 205 17.97 26.86 16.10
C LEU A 205 19.34 26.19 16.14
N THR A 206 19.84 25.95 17.36
CA THR A 206 21.11 25.27 17.56
C THR A 206 20.85 24.01 18.37
N VAL A 207 21.15 22.86 17.77
CA VAL A 207 20.95 21.55 18.38
C VAL A 207 22.29 21.05 18.88
N PHE A 208 22.40 20.83 20.19
CA PHE A 208 23.62 20.30 20.79
C PHE A 208 23.45 18.78 20.87
N VAL A 209 24.11 18.06 19.97
CA VAL A 209 23.97 16.61 19.88
C VAL A 209 25.07 15.96 20.69
N ARG A 210 24.69 14.98 21.51
CA ARG A 210 25.62 14.09 22.20
C ARG A 210 25.61 12.70 21.60
N THR A 211 24.45 12.06 21.46
CA THR A 211 24.33 10.71 20.93
C THR A 211 23.19 10.64 19.93
N PRO A 212 23.46 10.67 18.63
CA PRO A 212 22.40 10.51 17.64
C PRO A 212 21.72 9.15 17.75
N GLN A 213 20.45 9.10 17.37
CA GLN A 213 19.64 7.89 17.48
C GLN A 213 19.02 7.50 16.15
N TYR A 214 18.66 6.22 16.05
CA TYR A 214 17.88 5.74 14.92
C TYR A 214 16.43 6.23 15.03
N SER A 215 15.87 6.70 13.92
CA SER A 215 14.48 7.12 13.91
C SER A 215 13.89 6.84 12.53
N VAL A 216 12.65 6.37 12.51
CA VAL A 216 11.95 6.12 11.24
C VAL A 216 10.83 7.15 11.10
N PRO A 217 10.24 7.32 9.92
CA PRO A 217 9.09 8.22 9.78
C PRO A 217 7.89 7.76 10.61
N VAL A 218 6.99 8.71 10.86
CA VAL A 218 5.78 8.42 11.62
C VAL A 218 4.61 8.27 10.65
N GLY A 219 4.65 9.03 9.55
CA GLY A 219 3.55 9.01 8.59
C GLY A 219 2.21 9.47 9.14
N ASN A 220 2.17 10.67 9.69
CA ASN A 220 0.94 11.26 10.24
C ASN A 220 0.17 11.95 9.12
N ARG A 221 -0.83 11.24 8.57
CA ARG A 221 -1.61 11.68 7.42
C ARG A 221 -3.03 12.09 7.81
N PRO A 222 -3.69 12.92 6.99
CA PRO A 222 -5.11 13.21 7.21
C PRO A 222 -5.96 11.95 7.10
N VAL A 223 -7.13 12.00 7.75
CA VAL A 223 -8.09 10.91 7.77
C VAL A 223 -9.44 11.46 7.33
N THR A 224 -10.20 10.66 6.59
CA THR A 224 -11.54 11.01 6.15
C THR A 224 -12.60 10.39 7.05
N LYS A 225 -13.84 10.84 6.85
CA LYS A 225 -14.95 10.32 7.65
C LYS A 225 -15.19 8.83 7.36
N GLU A 226 -15.08 8.43 6.10
CA GLU A 226 -15.36 7.05 5.72
C GLU A 226 -14.33 6.08 6.27
N GLN A 227 -13.09 6.56 6.48
CA GLN A 227 -12.07 5.69 7.05
C GLN A 227 -12.33 5.45 8.52
N ILE A 228 -12.74 6.49 9.25
CA ILE A 228 -13.10 6.34 10.65
C ILE A 228 -14.26 5.38 10.80
N ASP A 229 -15.24 5.47 9.89
CA ASP A 229 -16.39 4.56 9.94
C ASP A 229 -16.00 3.13 9.62
N ALA A 230 -15.05 2.93 8.70
CA ALA A 230 -14.60 1.58 8.40
C ALA A 230 -13.96 0.96 9.63
N ILE A 231 -13.12 1.71 10.33
CA ILE A 231 -12.52 1.22 11.57
C ILE A 231 -13.60 0.92 12.61
N LYS A 232 -14.62 1.80 12.70
CA LYS A 232 -15.65 1.62 13.72
C LYS A 232 -16.53 0.41 13.45
N ALA A 233 -16.67 0.02 12.18
CA ALA A 233 -17.47 -1.13 11.79
C ALA A 233 -16.76 -2.46 12.05
N ASP A 234 -15.48 -2.43 12.36
CA ASP A 234 -14.72 -3.65 12.64
C ASP A 234 -13.99 -3.53 13.97
N TYR A 235 -14.44 -2.64 14.83
CA TYR A 235 -13.77 -2.39 16.10
C TYR A 235 -13.55 -3.60 16.98
N ASP A 236 -14.51 -4.48 17.08
CA ASP A 236 -14.35 -5.68 17.92
C ASP A 236 -13.19 -6.55 17.40
N GLY A 237 -13.24 -6.91 16.12
CA GLY A 237 -12.13 -7.67 15.54
C GLY A 237 -10.79 -6.97 15.63
N ILE A 238 -10.78 -5.63 15.52
CA ILE A 238 -9.51 -4.90 15.62
C ILE A 238 -8.93 -5.04 17.03
N TRP A 239 -9.77 -4.85 18.07
CA TRP A 239 -9.26 -4.98 19.43
C TRP A 239 -8.92 -6.43 19.77
N ASP A 240 -9.66 -7.37 19.22
CA ASP A 240 -9.38 -8.77 19.51
C ASP A 240 -7.99 -9.16 19.00
N SER A 241 -7.60 -8.64 17.87
CA SER A 241 -6.32 -8.97 17.32
C SER A 241 -5.22 -8.18 17.99
N VAL A 242 -5.49 -6.95 18.36
CA VAL A 242 -4.51 -6.17 19.12
C VAL A 242 -4.19 -6.84 20.46
N LYS A 243 -5.22 -7.36 21.16
CA LYS A 243 -4.96 -7.92 22.49
C LYS A 243 -4.21 -9.24 22.44
N LYS A 244 -4.22 -9.96 21.32
CA LYS A 244 -3.44 -11.17 21.15
C LYS A 244 -2.04 -10.93 20.60
N SER A 245 -1.78 -9.73 20.05
CA SER A 245 -0.48 -9.45 19.47
C SER A 245 0.57 -9.28 20.58
N ALA A 246 1.82 -9.13 20.18
CA ALA A 246 2.88 -8.90 21.15
C ALA A 246 3.08 -7.43 21.48
N VAL A 247 3.01 -6.53 20.49
CA VAL A 247 3.26 -5.11 20.74
C VAL A 247 2.02 -4.25 20.59
N ALA A 248 0.88 -4.82 20.17
CA ALA A 248 -0.40 -4.13 20.27
C ALA A 248 -0.40 -2.78 19.55
N ALA A 249 0.12 -2.77 18.33
CA ALA A 249 0.28 -1.52 17.58
C ALA A 249 -0.56 -1.44 16.31
N GLY A 250 -1.31 -2.48 15.99
CA GLY A 250 -2.22 -2.43 14.87
C GLY A 250 -1.76 -3.13 13.60
N PHE A 251 -0.58 -3.73 13.59
CA PHE A 251 -0.09 -4.41 12.40
C PHE A 251 0.18 -5.87 12.73
N GLU A 252 0.29 -6.66 11.66
CA GLU A 252 0.69 -8.05 11.77
C GLU A 252 2.20 -8.16 11.96
N GLU A 253 2.61 -8.94 12.97
CA GLU A 253 4.02 -9.05 13.32
C GLU A 253 4.68 -10.21 12.57
N SER A 254 5.87 -9.95 12.06
CA SER A 254 6.50 -10.87 11.13
C SER A 254 7.19 -12.01 11.84
N THR A 255 7.14 -13.20 11.24
CA THR A 255 7.97 -14.33 11.65
C THR A 255 9.06 -14.65 10.63
N LEU A 256 9.28 -13.76 9.66
CA LEU A 256 10.20 -14.03 8.58
C LEU A 256 11.62 -13.64 8.99
N PRO A 257 12.58 -14.56 8.98
CA PRO A 257 13.97 -14.19 9.34
C PRO A 257 14.59 -13.31 8.25
N ALA A 258 15.26 -12.25 8.69
CA ALA A 258 15.71 -11.19 7.79
C ALA A 258 16.69 -11.69 6.73
N MET A 259 17.68 -12.48 7.13
CA MET A 259 18.71 -12.90 6.19
C MET A 259 18.31 -14.11 5.34
N SER A 260 17.04 -14.53 5.41
CA SER A 260 16.60 -15.69 4.64
C SER A 260 16.10 -15.33 3.24
N VAL A 261 15.93 -14.05 2.95
CA VAL A 261 15.49 -13.60 1.64
C VAL A 261 16.66 -12.88 0.97
N SER A 262 16.53 -12.64 -0.34
CA SER A 262 17.59 -11.96 -1.07
C SER A 262 17.70 -10.51 -0.63
N GLU A 263 18.85 -9.90 -0.97
CA GLU A 263 19.07 -8.51 -0.57
C GLU A 263 18.09 -7.56 -1.26
N GLU A 264 17.69 -7.86 -2.50
CA GLU A 264 16.66 -7.06 -3.16
C GLU A 264 15.35 -7.11 -2.39
N GLU A 265 14.92 -8.31 -1.97
CA GLU A 265 13.65 -8.41 -1.25
C GLU A 265 13.75 -7.79 0.13
N ARG A 266 14.87 -7.96 0.82
CA ARG A 266 15.06 -7.33 2.11
C ARG A 266 14.94 -5.81 2.00
N ASN A 267 15.64 -5.24 1.01
CA ASN A 267 15.55 -3.79 0.80
C ASN A 267 14.12 -3.35 0.47
N ARG A 268 13.36 -4.18 -0.24
CA ARG A 268 12.00 -3.80 -0.60
C ARG A 268 11.10 -3.73 0.64
N ILE A 269 11.20 -4.72 1.54
CA ILE A 269 10.34 -4.73 2.73
C ILE A 269 10.71 -3.59 3.66
N PHE A 270 12.00 -3.34 3.86
CA PHE A 270 12.43 -2.21 4.66
C PHE A 270 11.85 -0.92 4.11
N GLN A 271 11.94 -0.73 2.79
CA GLN A 271 11.50 0.52 2.18
C GLN A 271 9.99 0.67 2.26
N GLU A 272 9.25 -0.43 2.09
CA GLU A 272 7.80 -0.37 2.21
C GLU A 272 7.37 0.04 3.62
N ALA A 273 8.03 -0.49 4.65
CA ALA A 273 7.70 -0.07 6.02
C ALA A 273 8.06 1.39 6.22
N TRP A 274 9.25 1.79 5.77
CA TRP A 274 9.73 3.16 5.92
C TRP A 274 8.76 4.17 5.29
N ASP A 275 8.25 3.85 4.09
CA ASP A 275 7.28 4.75 3.46
C ASP A 275 5.98 4.80 4.25
N HIS A 276 5.57 3.68 4.85
CA HIS A 276 4.36 3.70 5.65
C HIS A 276 4.54 4.56 6.89
N GLY A 277 5.61 4.33 7.64
CA GLY A 277 5.86 5.00 8.89
C GLY A 277 5.52 4.12 10.09
N GLY A 278 6.18 4.40 11.21
CA GLY A 278 5.98 3.63 12.42
C GLY A 278 7.24 2.99 12.97
N GLY A 279 7.70 3.47 14.13
CA GLY A 279 8.82 2.81 14.81
C GLY A 279 8.61 1.33 15.04
N ALA A 280 7.44 0.95 15.57
CA ALA A 280 7.20 -0.47 15.87
C ALA A 280 7.05 -1.30 14.60
N ARG A 281 6.37 -0.77 13.59
CA ARG A 281 6.22 -1.50 12.34
C ARG A 281 7.57 -1.80 11.70
N PHE A 282 8.52 -0.86 11.80
CA PHE A 282 9.82 -1.08 11.18
C PHE A 282 10.63 -2.13 11.91
N MET A 283 10.51 -2.18 13.24
CA MET A 283 11.30 -3.12 14.02
C MET A 283 10.68 -4.50 14.12
N PHE A 284 9.35 -4.60 14.04
CA PHE A 284 8.66 -5.87 14.28
C PHE A 284 7.68 -6.28 13.19
N GLY A 285 7.33 -5.38 12.26
CA GLY A 285 6.48 -5.71 11.14
C GLY A 285 7.21 -6.07 9.86
N THR A 286 8.54 -5.93 9.83
CA THR A 286 9.31 -6.25 8.64
C THR A 286 9.79 -7.70 8.69
N PHE A 287 10.64 -8.02 9.66
CA PHE A 287 11.12 -9.37 9.89
C PHE A 287 10.92 -9.74 11.36
N GLY A 288 11.19 -11.00 11.69
CA GLY A 288 10.93 -11.48 13.03
C GLY A 288 12.14 -11.66 13.94
N ASP A 289 13.34 -11.33 13.47
CA ASP A 289 14.53 -11.58 14.27
C ASP A 289 15.44 -10.34 14.36
N ILE A 290 14.86 -9.15 14.24
CA ILE A 290 15.65 -7.91 14.36
C ILE A 290 16.18 -7.73 15.78
N ALA A 291 15.38 -8.10 16.78
CA ALA A 291 15.81 -7.97 18.17
C ALA A 291 16.64 -9.14 18.66
N THR A 292 16.67 -10.26 17.92
CA THR A 292 17.33 -11.48 18.37
C THR A 292 18.57 -11.87 17.56
N ASP A 293 18.67 -11.45 16.30
CA ASP A 293 19.75 -11.90 15.44
C ASP A 293 20.71 -10.75 15.13
N GLU A 294 22.00 -11.01 15.30
CA GLU A 294 23.02 -9.99 15.06
C GLU A 294 22.96 -9.46 13.64
N ALA A 295 22.94 -10.36 12.65
CA ALA A 295 23.00 -9.93 11.26
C ALA A 295 21.71 -9.25 10.82
N ALA A 296 20.57 -9.73 11.33
CA ALA A 296 19.30 -9.03 11.07
C ALA A 296 19.33 -7.61 11.62
N ASN A 297 19.83 -7.45 12.85
CA ASN A 297 19.85 -6.12 13.48
C ASN A 297 20.74 -5.17 12.68
N GLU A 298 21.89 -5.65 12.24
CA GLU A 298 22.80 -4.81 11.45
C GLU A 298 22.15 -4.38 10.14
N ALA A 299 21.42 -5.29 9.50
CA ALA A 299 20.76 -4.97 8.23
C ALA A 299 19.79 -3.79 8.40
N ALA A 300 18.97 -3.81 9.45
CA ALA A 300 18.03 -2.70 9.67
C ALA A 300 18.76 -1.43 10.07
N ALA A 301 19.82 -1.55 10.87
CA ALA A 301 20.57 -0.37 11.29
C ALA A 301 21.21 0.34 10.09
N SER A 302 21.82 -0.42 9.17
CA SER A 302 22.48 0.24 8.05
C SER A 302 21.48 0.73 7.02
N PHE A 303 20.28 0.14 6.94
CA PHE A 303 19.25 0.71 6.08
C PHE A 303 18.84 2.09 6.54
N ILE A 304 18.71 2.28 7.85
CA ILE A 304 18.34 3.60 8.38
C ILE A 304 19.46 4.59 8.14
N ARG A 305 20.71 4.16 8.30
CA ARG A 305 21.85 5.03 8.04
C ARG A 305 21.85 5.52 6.61
N SER A 306 21.57 4.63 5.65
CA SER A 306 21.55 5.05 4.25
C SER A 306 20.39 6.01 3.95
N LYS A 307 19.28 5.89 4.70
CA LYS A 307 18.20 6.86 4.54
C LYS A 307 18.61 8.23 5.05
N ILE A 308 19.34 8.27 6.18
CA ILE A 308 19.81 9.54 6.71
C ILE A 308 20.80 10.20 5.74
N ALA A 309 21.66 9.39 5.10
CA ALA A 309 22.65 9.96 4.19
C ALA A 309 22.00 10.49 2.91
N GLU A 310 20.88 9.89 2.47
CA GLU A 310 20.16 10.44 1.32
C GLU A 310 19.49 11.76 1.67
N ILE A 311 18.93 11.88 2.89
CA ILE A 311 18.11 13.03 3.23
C ILE A 311 18.96 14.28 3.44
N ILE A 312 20.00 14.18 4.26
CA ILE A 312 20.77 15.36 4.67
C ILE A 312 21.80 15.67 3.59
N GLU A 313 21.72 16.86 3.02
CA GLU A 313 22.52 17.17 1.84
C GLU A 313 23.99 17.37 2.20
N ASP A 314 24.28 18.18 3.21
CA ASP A 314 25.65 18.40 3.68
C ASP A 314 26.25 17.13 4.27
N PRO A 315 27.32 16.59 3.70
CA PRO A 315 27.90 15.34 4.25
C PRO A 315 28.50 15.51 5.64
N GLU A 316 29.12 16.67 5.92
CA GLU A 316 29.61 16.93 7.28
C GLU A 316 28.47 17.04 8.29
N THR A 317 27.31 17.55 7.87
CA THR A 317 26.16 17.60 8.77
C THR A 317 25.52 16.23 8.95
N ALA A 318 25.52 15.40 7.90
CA ALA A 318 25.04 14.02 8.03
C ALA A 318 25.88 13.20 9.00
N ARG A 319 27.19 13.47 9.02
CA ARG A 319 28.11 12.70 9.85
C ARG A 319 27.81 12.86 11.33
N LYS A 320 27.47 14.09 11.75
CA LYS A 320 27.25 14.35 13.17
C LYS A 320 25.95 13.73 13.68
N LEU A 321 25.00 13.44 12.78
CA LEU A 321 23.72 12.86 13.12
C LEU A 321 23.61 11.38 12.78
N MET A 322 24.72 10.74 12.45
CA MET A 322 24.76 9.37 11.95
C MET A 322 24.83 8.42 13.16
N PRO A 323 23.78 7.63 13.46
CA PRO A 323 23.84 6.77 14.65
C PRO A 323 24.62 5.49 14.39
N THR A 324 25.17 4.94 15.48
CA THR A 324 25.95 3.71 15.41
C THR A 324 25.52 2.77 16.53
N GLY A 325 25.96 1.52 16.45
CA GLY A 325 25.64 0.53 17.48
C GLY A 325 24.37 -0.26 17.18
N LEU A 326 23.96 -1.06 18.16
CA LEU A 326 22.80 -1.92 17.98
C LEU A 326 21.53 -1.10 17.86
N TYR A 327 20.68 -1.43 16.91
CA TYR A 327 19.43 -0.75 16.75
C TYR A 327 18.56 -1.45 17.72
N ALA A 328 18.53 -0.97 18.95
CA ALA A 328 17.82 -1.71 19.94
C ALA A 328 17.23 -0.99 21.08
N LYS A 329 16.28 -0.11 20.84
CA LYS A 329 15.67 0.55 21.96
C LYS A 329 14.18 0.45 21.75
N ARG A 330 13.45 1.38 22.31
CA ARG A 330 12.06 1.45 22.07
C ARG A 330 12.08 2.31 20.83
N PRO A 331 11.65 1.78 19.72
CA PRO A 331 11.66 2.38 18.39
C PRO A 331 11.06 3.77 18.21
N LEU A 332 11.90 4.74 17.87
CA LEU A 332 11.52 6.14 17.70
C LEU A 332 11.02 6.44 16.29
N CYS A 333 10.14 7.43 16.20
CA CYS A 333 9.64 7.92 14.92
C CYS A 333 9.55 9.44 14.95
N ASP A 334 9.35 10.04 13.77
CA ASP A 334 9.48 11.48 13.64
C ASP A 334 8.74 11.96 12.40
N ASN A 335 8.44 13.26 12.39
CA ASN A 335 7.65 13.87 11.33
C ASN A 335 8.50 14.85 10.53
N GLY A 336 9.60 14.38 9.94
CA GLY A 336 10.45 15.23 9.15
C GLY A 336 11.63 15.77 9.94
N TYR A 337 12.15 14.95 10.85
CA TYR A 337 13.22 15.41 11.75
C TYR A 337 14.52 15.61 11.01
N TYR A 338 14.92 14.65 10.18
CA TYR A 338 16.21 14.76 9.50
C TYR A 338 16.23 15.94 8.54
N GLU A 339 15.17 16.10 7.74
CA GLU A 339 15.08 17.22 6.80
C GLU A 339 15.30 18.58 7.46
N VAL A 340 15.01 18.69 8.76
CA VAL A 340 15.15 19.97 9.47
C VAL A 340 16.57 20.51 9.30
N TYR A 341 17.55 19.62 9.27
CA TYR A 341 18.95 20.05 9.23
C TYR A 341 19.38 20.58 7.87
N ASN A 342 18.55 20.49 6.83
CA ASN A 342 18.86 21.19 5.60
C ASN A 342 18.44 22.66 5.61
N ARG A 343 17.66 23.08 6.61
CA ARG A 343 17.28 24.49 6.68
C ARG A 343 18.52 25.33 7.03
N PRO A 344 18.65 26.52 6.43
CA PRO A 344 19.84 27.34 6.70
C PRO A 344 19.88 27.94 8.10
N ASN A 345 18.77 27.96 8.84
CA ASN A 345 18.72 28.51 10.18
C ASN A 345 18.81 27.43 11.26
N VAL A 346 19.24 26.22 10.90
CA VAL A 346 19.41 25.13 11.86
C VAL A 346 20.87 24.66 11.81
N GLU A 347 21.57 24.76 12.94
CA GLU A 347 22.94 24.32 13.07
C GLU A 347 23.03 23.18 14.08
N ALA A 348 23.87 22.19 13.78
CA ALA A 348 24.11 21.06 14.65
C ALA A 348 25.53 21.12 15.21
N VAL A 349 25.65 21.02 16.53
CA VAL A 349 26.95 21.00 17.21
C VAL A 349 27.14 19.65 17.89
N ALA A 350 28.23 18.97 17.57
CA ALA A 350 28.53 17.64 18.11
C ALA A 350 29.30 17.83 19.43
N ILE A 351 28.59 17.63 20.53
CA ILE A 351 29.14 17.95 21.86
C ILE A 351 30.33 17.09 22.20
N LYS A 352 30.42 15.87 21.66
CA LYS A 352 31.55 15.01 21.97
C LYS A 352 32.83 15.52 21.31
N GLU A 353 32.74 15.96 20.06
CA GLU A 353 33.90 16.56 19.39
C GLU A 353 34.14 17.99 19.86
N ASN A 354 33.08 18.77 20.01
CA ASN A 354 33.17 20.21 20.29
C ASN A 354 32.35 20.50 21.54
N PRO A 355 32.90 20.23 22.72
CA PRO A 355 32.10 20.31 23.96
C PRO A 355 31.75 21.74 24.34
N ILE A 356 30.73 21.83 25.21
CA ILE A 356 30.31 23.12 25.75
C ILE A 356 31.32 23.56 26.80
N ARG A 357 31.90 24.74 26.61
CA ARG A 357 32.82 25.26 27.62
C ARG A 357 32.09 25.74 28.87
N GLU A 358 31.21 26.74 28.71
CA GLU A 358 30.28 27.17 29.73
C GLU A 358 29.41 28.27 29.11
N VAL A 359 28.24 28.48 29.69
CA VAL A 359 27.27 29.40 29.13
C VAL A 359 27.57 30.81 29.61
N THR A 360 27.48 31.78 28.70
CA THR A 360 27.72 33.17 29.02
C THR A 360 26.39 33.86 29.36
N ALA A 361 26.31 35.18 29.17
CA ALA A 361 25.13 35.93 29.60
C ALA A 361 23.99 35.86 28.59
N LYS A 362 24.29 35.87 27.30
CA LYS A 362 23.27 35.64 26.29
C LYS A 362 23.79 34.67 25.21
N GLY A 363 24.11 33.48 25.67
CA GLY A 363 24.40 32.38 24.76
C GLY A 363 25.34 31.35 25.37
N VAL A 364 25.67 30.33 24.57
CA VAL A 364 26.58 29.25 24.94
C VAL A 364 27.81 29.34 24.06
N VAL A 365 28.99 29.48 24.67
CA VAL A 365 30.24 29.39 23.94
C VAL A 365 30.77 27.97 24.11
N THR A 366 31.37 27.44 23.05
CA THR A 366 31.92 26.09 23.06
C THR A 366 33.44 26.17 22.99
N GLU A 367 34.08 25.00 22.97
CA GLU A 367 35.51 24.91 23.21
C GLU A 367 36.35 25.36 22.03
N ASP A 368 35.77 25.60 20.85
CA ASP A 368 36.53 26.12 19.73
C ASP A 368 36.47 27.64 19.62
N GLY A 369 35.83 28.32 20.58
CA GLY A 369 35.78 29.76 20.63
C GLY A 369 34.47 30.37 20.20
N VAL A 370 33.62 29.61 19.52
CA VAL A 370 32.37 30.13 18.97
C VAL A 370 31.33 30.23 20.08
N LEU A 371 30.77 31.42 20.25
CA LEU A 371 29.58 31.61 21.09
C LEU A 371 28.35 31.80 20.20
N HIS A 372 27.33 30.97 20.43
CA HIS A 372 26.07 30.99 19.68
C HIS A 372 25.07 31.84 20.48
N GLU A 373 24.67 32.97 19.90
CA GLU A 373 23.67 33.83 20.50
C GLU A 373 22.35 33.08 20.68
N LEU A 374 21.78 33.16 21.88
CA LEU A 374 20.58 32.41 22.22
C LEU A 374 19.68 33.30 23.08
N ASP A 375 18.41 33.39 22.69
CA ASP A 375 17.42 34.04 23.55
C ASP A 375 16.91 33.07 24.61
N VAL A 376 16.56 31.84 24.23
CA VAL A 376 16.09 30.83 25.16
C VAL A 376 16.87 29.53 24.95
N LEU A 377 16.95 28.73 26.01
CA LEU A 377 17.65 27.45 26.01
C LEU A 377 16.70 26.36 26.48
N VAL A 378 16.39 25.41 25.59
CA VAL A 378 15.45 24.32 25.88
C VAL A 378 16.22 23.08 26.29
N PHE A 379 15.81 22.48 27.41
CA PHE A 379 16.40 21.26 27.95
C PHE A 379 15.44 20.11 27.69
N ALA A 380 15.73 19.34 26.63
CA ALA A 380 15.01 18.11 26.36
C ALA A 380 15.70 16.90 26.96
N THR A 381 16.38 17.10 28.08
CA THR A 381 16.93 16.01 28.86
C THR A 381 15.81 15.29 29.59
N GLY A 382 16.09 14.05 29.98
CA GLY A 382 15.05 13.14 30.46
C GLY A 382 14.77 13.22 31.94
N PHE A 383 14.47 12.06 32.53
CA PHE A 383 14.18 11.94 33.95
C PHE A 383 14.98 10.80 34.56
N ASP A 384 14.29 9.87 35.24
CA ASP A 384 14.85 8.61 35.71
C ASP A 384 13.96 7.44 35.28
N ALA A 385 13.74 6.47 36.17
CA ALA A 385 13.10 5.21 35.79
C ALA A 385 11.78 4.99 36.54
N VAL A 386 11.26 3.76 36.42
CA VAL A 386 9.92 3.44 36.93
C VAL A 386 9.87 3.50 38.45
N ASP A 387 10.94 3.08 39.12
CA ASP A 387 10.92 3.02 40.58
C ASP A 387 11.02 4.39 41.22
N GLY A 388 11.23 5.43 40.41
CA GLY A 388 11.45 6.77 40.96
C GLY A 388 10.26 7.27 41.76
N ASN A 389 9.05 7.07 41.23
CA ASN A 389 7.87 7.58 41.93
C ASN A 389 7.45 6.71 43.11
N TYR A 390 8.06 5.53 43.28
CA TYR A 390 7.82 4.66 44.43
C TYR A 390 8.80 4.95 45.57
N ARG A 391 10.06 5.22 45.25
CA ARG A 391 11.11 5.36 46.24
C ARG A 391 11.09 6.70 46.96
N ARG A 392 10.36 7.69 46.45
CA ARG A 392 10.35 9.03 47.04
C ARG A 392 9.24 9.21 48.07
N ILE A 393 8.46 8.18 48.38
CA ILE A 393 7.39 8.29 49.36
C ILE A 393 7.54 7.16 50.36
N GLU A 394 7.10 7.42 51.59
CA GLU A 394 7.22 6.45 52.68
C GLU A 394 6.17 5.37 52.50
N ILE A 395 6.59 4.22 51.99
CA ILE A 395 5.72 3.06 51.85
C ILE A 395 6.26 1.97 52.76
N ARG A 396 5.45 1.57 53.74
CA ARG A 396 5.85 0.59 54.74
C ARG A 396 4.79 -0.50 54.83
N GLY A 397 5.20 -1.74 54.67
CA GLY A 397 4.35 -2.89 54.74
C GLY A 397 4.46 -3.61 56.07
N ARG A 398 4.28 -4.93 56.05
CA ARG A 398 4.36 -5.72 57.26
C ARG A 398 5.69 -5.51 57.98
N ASN A 399 5.62 -5.40 59.31
CA ASN A 399 6.77 -5.09 60.16
C ASN A 399 7.41 -3.76 59.76
N GLY A 400 6.62 -2.85 59.23
CA GLY A 400 7.11 -1.52 58.92
C GLY A 400 8.25 -1.48 57.94
N LEU A 401 8.43 -2.54 57.14
CA LEU A 401 9.54 -2.60 56.21
C LEU A 401 9.37 -1.58 55.09
N HIS A 402 10.39 -0.76 54.89
CA HIS A 402 10.36 0.25 53.83
C HIS A 402 10.46 -0.40 52.46
N ILE A 403 9.78 0.20 51.46
CA ILE A 403 9.86 -0.32 50.10
C ILE A 403 11.28 -0.21 49.56
N ASN A 404 12.05 0.77 50.04
CA ASN A 404 13.46 0.89 49.62
C ASN A 404 14.30 -0.26 50.16
N ASP A 405 14.08 -0.63 51.42
CA ASP A 405 14.82 -1.75 51.98
C ASP A 405 14.33 -3.08 51.43
N HIS A 406 13.06 -3.16 51.00
CA HIS A 406 12.57 -4.37 50.36
C HIS A 406 13.14 -4.52 48.96
N TRP A 407 13.07 -3.46 48.14
CA TRP A 407 13.78 -3.43 46.87
C TRP A 407 15.20 -2.89 47.05
N ASP A 408 15.93 -3.47 48.01
CA ASP A 408 17.25 -2.96 48.39
C ASP A 408 18.14 -2.76 47.17
N GLY A 409 18.12 -3.70 46.25
CA GLY A 409 18.83 -3.54 45.00
C GLY A 409 17.90 -3.19 43.86
N GLN A 410 17.19 -4.18 43.34
CA GLN A 410 16.43 -4.03 42.12
C GLN A 410 14.94 -4.15 42.38
N PRO A 411 14.12 -3.35 41.69
CA PRO A 411 12.66 -3.46 41.83
C PRO A 411 12.16 -4.78 41.26
N THR A 412 11.51 -5.56 42.11
CA THR A 412 10.94 -6.84 41.71
C THR A 412 9.43 -6.80 41.89
N SER A 413 8.76 -7.87 41.46
CA SER A 413 7.31 -7.95 41.53
C SER A 413 6.90 -9.39 41.27
N TYR A 414 5.60 -9.66 41.45
CA TYR A 414 4.98 -10.88 40.96
C TYR A 414 3.95 -10.49 39.92
N LEU A 415 4.15 -10.94 38.68
CA LEU A 415 3.27 -10.67 37.55
C LEU A 415 3.14 -9.19 37.24
N GLY A 416 4.08 -8.37 37.71
CA GLY A 416 4.09 -6.95 37.40
C GLY A 416 3.13 -6.09 38.19
N VAL A 417 2.33 -6.65 39.10
CA VAL A 417 1.28 -5.86 39.73
C VAL A 417 1.25 -6.00 41.26
N THR A 418 2.02 -6.93 41.83
CA THR A 418 2.10 -7.07 43.29
C THR A 418 3.55 -7.30 43.70
N THR A 419 3.78 -7.38 45.02
CA THR A 419 5.09 -7.66 45.58
C THR A 419 4.93 -8.18 47.01
N ALA A 420 5.86 -9.03 47.42
CA ALA A 420 5.78 -9.65 48.74
C ALA A 420 5.91 -8.61 49.85
N ASN A 421 5.35 -8.96 51.01
CA ASN A 421 5.35 -8.18 52.24
C ASN A 421 4.49 -6.93 52.15
N PHE A 422 3.67 -6.79 51.11
CA PHE A 422 2.85 -5.61 50.89
C PHE A 422 1.45 -6.05 50.48
N PRO A 423 0.64 -6.48 51.44
CA PRO A 423 -0.67 -7.03 51.10
C PRO A 423 -1.69 -5.96 50.72
N ASN A 424 -2.61 -6.36 49.86
CA ASN A 424 -3.70 -5.49 49.38
C ASN A 424 -3.16 -4.22 48.74
N TRP A 425 -2.02 -4.34 48.07
CA TRP A 425 -1.23 -3.22 47.56
C TRP A 425 -0.82 -3.55 46.12
N PHE A 426 -1.40 -2.86 45.14
CA PHE A 426 -1.22 -3.21 43.74
C PHE A 426 -0.50 -2.12 42.95
N MET A 427 0.15 -2.53 41.86
CA MET A 427 0.91 -1.63 41.01
C MET A 427 0.37 -1.68 39.59
N VAL A 428 0.10 -0.52 39.01
CA VAL A 428 -0.21 -0.39 37.59
C VAL A 428 1.05 0.08 36.88
N LEU A 429 1.48 -0.70 35.88
CA LEU A 429 2.75 -0.49 35.18
C LEU A 429 3.91 -0.32 36.15
N GLY A 430 4.02 -1.27 37.08
CA GLY A 430 5.16 -1.33 37.98
C GLY A 430 6.33 -2.07 37.38
N PRO A 431 7.27 -2.49 38.24
CA PRO A 431 8.41 -3.26 37.75
C PRO A 431 8.01 -4.65 37.29
N ASN A 432 8.84 -5.22 36.42
CA ASN A 432 8.63 -6.57 35.89
C ASN A 432 7.28 -6.70 35.19
N GLY A 433 6.77 -5.59 34.65
CA GLY A 433 5.58 -5.61 33.85
C GLY A 433 5.93 -5.65 32.39
N PRO A 434 4.95 -5.51 31.53
CA PRO A 434 5.30 -5.61 30.13
C PRO A 434 5.91 -4.35 29.63
N ALA A 435 6.78 -4.51 28.65
CA ALA A 435 7.46 -3.40 28.04
C ALA A 435 6.46 -2.61 27.27
N THR A 436 5.54 -3.26 26.62
CA THR A 436 4.51 -2.56 25.93
C THR A 436 3.74 -1.99 27.09
N ASN A 437 3.58 -0.69 27.12
CA ASN A 437 2.92 0.01 28.22
C ASN A 437 1.94 1.05 27.71
N LEU A 438 1.01 0.64 26.88
CA LEU A 438 -0.04 1.47 26.31
C LEU A 438 -1.39 1.22 26.95
N PRO A 439 -2.41 1.96 26.55
CA PRO A 439 -3.74 1.77 27.18
C PRO A 439 -4.19 0.32 27.26
N PRO A 440 -4.05 -0.51 26.22
CA PRO A 440 -4.57 -1.89 26.34
C PRO A 440 -3.79 -2.72 27.34
N SER A 441 -2.61 -2.29 27.69
CA SER A 441 -1.83 -2.97 28.69
C SER A 441 -2.28 -2.50 30.04
N ILE A 442 -2.60 -1.23 30.14
CA ILE A 442 -3.12 -0.69 31.37
C ILE A 442 -4.46 -1.34 31.70
N GLU A 443 -5.35 -1.45 30.70
CA GLU A 443 -6.66 -2.08 30.90
C GLU A 443 -6.51 -3.49 31.44
N THR A 444 -5.53 -4.24 30.91
CA THR A 444 -5.32 -5.62 31.35
C THR A 444 -5.00 -5.68 32.83
N GLN A 445 -4.11 -4.81 33.29
CA GLN A 445 -3.68 -4.83 34.68
C GLN A 445 -4.78 -4.31 35.62
N VAL A 446 -5.41 -3.18 35.25
CA VAL A 446 -6.48 -2.63 36.07
C VAL A 446 -7.65 -3.61 36.17
N GLU A 447 -7.91 -4.37 35.10
CA GLU A 447 -8.98 -5.36 35.15
C GLU A 447 -8.62 -6.53 36.05
N TRP A 448 -7.36 -6.99 36.00
CA TRP A 448 -6.94 -8.05 36.91
C TRP A 448 -7.03 -7.58 38.36
N ILE A 449 -6.59 -6.34 38.63
CA ILE A 449 -6.62 -5.78 39.98
C ILE A 449 -8.06 -5.69 40.48
N SER A 450 -8.97 -5.19 39.63
CA SER A 450 -10.36 -5.02 40.04
C SER A 450 -11.04 -6.37 40.30
N ASP A 451 -10.73 -7.38 39.50
CA ASP A 451 -11.26 -8.72 39.70
C ASP A 451 -10.70 -9.35 40.98
N THR A 452 -9.42 -9.09 41.27
CA THR A 452 -8.83 -9.67 42.47
C THR A 452 -9.46 -9.06 43.72
N VAL A 453 -9.78 -7.76 43.66
CA VAL A 453 -10.44 -7.10 44.78
C VAL A 453 -11.84 -7.65 44.97
N ALA A 454 -12.55 -7.90 43.85
CA ALA A 454 -13.90 -8.46 43.93
C ALA A 454 -13.88 -9.89 44.48
N TYR A 455 -12.85 -10.66 44.11
CA TYR A 455 -12.72 -12.02 44.61
C TYR A 455 -12.50 -12.01 46.12
N ALA A 456 -11.67 -11.09 46.61
CA ALA A 456 -11.39 -10.99 48.05
C ALA A 456 -12.65 -10.61 48.83
N GLU A 457 -13.42 -9.64 48.33
CA GLU A 457 -14.62 -9.21 49.03
C GLU A 457 -15.66 -10.33 49.09
N ARG A 458 -15.85 -11.07 47.99
CA ARG A 458 -16.88 -12.10 47.95
C ARG A 458 -16.57 -13.26 48.87
N ASN A 459 -15.30 -13.67 48.94
CA ASN A 459 -14.91 -14.87 49.68
C ASN A 459 -14.30 -14.56 51.04
N GLU A 460 -14.57 -13.37 51.59
CA GLU A 460 -14.11 -12.98 52.92
C GLU A 460 -12.60 -13.20 53.09
N ILE A 461 -11.83 -12.55 52.22
CA ILE A 461 -10.38 -12.56 52.31
C ILE A 461 -9.93 -11.25 52.94
N ARG A 462 -9.11 -11.34 53.99
CA ARG A 462 -8.65 -10.15 54.67
C ARG A 462 -7.31 -9.62 54.16
N ALA A 463 -6.50 -10.46 53.51
CA ALA A 463 -5.19 -10.03 53.02
C ALA A 463 -4.68 -11.05 52.01
N ILE A 464 -4.28 -10.56 50.84
CA ILE A 464 -3.63 -11.38 49.82
C ILE A 464 -2.27 -10.78 49.51
N GLU A 465 -1.25 -11.63 49.43
CA GLU A 465 0.08 -11.18 49.04
C GLU A 465 0.83 -12.35 48.41
N PRO A 466 1.73 -12.09 47.47
CA PRO A 466 2.49 -13.18 46.85
C PRO A 466 3.59 -13.70 47.76
N THR A 467 3.91 -14.97 47.59
CA THR A 467 5.00 -15.59 48.32
C THR A 467 6.35 -15.18 47.74
N PRO A 468 7.40 -15.18 48.55
CA PRO A 468 8.74 -14.87 48.00
C PRO A 468 9.17 -15.83 46.90
N GLU A 469 8.73 -17.08 46.97
CA GLU A 469 9.06 -18.06 45.92
C GLU A 469 8.37 -17.72 44.61
N ALA A 470 7.16 -17.17 44.65
CA ALA A 470 6.47 -16.80 43.42
C ALA A 470 7.15 -15.58 42.78
N GLU A 471 7.53 -14.61 43.61
CA GLU A 471 8.21 -13.42 43.10
C GLU A 471 9.53 -13.77 42.45
N GLU A 472 10.34 -14.61 43.11
CA GLU A 472 11.59 -15.04 42.50
C GLU A 472 11.35 -15.78 41.20
N GLU A 473 10.31 -16.63 41.15
CA GLU A 473 10.01 -17.36 39.93
C GLU A 473 9.67 -16.42 38.78
N TRP A 474 9.01 -15.30 39.07
CA TRP A 474 8.67 -14.34 38.02
C TRP A 474 9.90 -13.60 37.54
N THR A 475 10.82 -13.29 38.45
CA THR A 475 12.08 -12.65 38.07
C THR A 475 12.89 -13.55 37.14
N GLN A 476 12.98 -14.85 37.46
CA GLN A 476 13.63 -15.79 36.56
C GLN A 476 12.98 -15.79 35.18
N THR A 477 11.64 -15.72 35.13
CA THR A 477 10.95 -15.77 33.85
C THR A 477 11.26 -14.52 33.01
N CYS A 478 11.33 -13.35 33.64
CA CYS A 478 11.60 -12.14 32.89
C CYS A 478 13.06 -12.08 32.41
N THR A 479 13.98 -12.69 33.15
CA THR A 479 15.39 -12.68 32.76
C THR A 479 15.66 -13.68 31.64
N ASP A 480 14.99 -14.83 31.67
CA ASP A 480 15.15 -15.82 30.62
C ASP A 480 14.67 -15.27 29.28
N ILE A 481 13.49 -14.64 29.27
CA ILE A 481 12.96 -14.04 28.04
C ILE A 481 13.90 -12.95 27.56
N ALA A 482 14.45 -12.18 28.49
CA ALA A 482 15.30 -11.06 28.14
C ALA A 482 16.63 -11.54 27.54
N ASN A 483 17.17 -12.63 28.07
CA ASN A 483 18.48 -13.11 27.63
C ASN A 483 18.43 -13.78 26.27
N ALA A 484 17.26 -13.96 25.68
CA ALA A 484 17.16 -14.38 24.29
C ALA A 484 17.21 -13.20 23.33
N THR A 485 17.23 -11.98 23.83
CA THR A 485 17.30 -10.79 23.00
C THR A 485 18.72 -10.27 22.96
N LEU A 486 18.96 -9.28 22.12
CA LEU A 486 20.24 -8.65 22.05
C LEU A 486 20.29 -7.52 23.06
N PHE A 487 19.13 -7.07 23.53
CA PHE A 487 19.02 -5.96 24.48
C PHE A 487 19.97 -6.09 25.65
N THR A 488 20.00 -7.26 26.27
CA THR A 488 20.87 -7.52 27.39
C THR A 488 22.31 -7.18 27.10
N ARG A 489 22.78 -7.49 25.89
CA ARG A 489 24.17 -7.25 25.54
C ARG A 489 24.52 -5.78 25.70
N GLY A 490 25.61 -5.55 26.44
CA GLY A 490 26.02 -4.21 26.79
C GLY A 490 25.13 -3.88 27.96
N ASP A 491 24.26 -2.88 27.78
CA ASP A 491 23.30 -2.49 28.80
C ASP A 491 22.14 -1.73 28.16
N SER A 492 20.96 -2.33 28.18
CA SER A 492 19.82 -1.64 27.61
C SER A 492 19.04 -0.97 28.71
N TRP A 493 17.81 -0.56 28.44
CA TRP A 493 16.98 0.05 29.48
C TRP A 493 16.80 -1.05 30.53
N ILE A 494 17.60 -0.95 31.59
CA ILE A 494 17.71 -1.95 32.64
C ILE A 494 18.11 -1.26 33.94
N PHE A 495 18.23 -2.03 35.01
CA PHE A 495 18.67 -1.43 36.25
C PHE A 495 20.18 -1.28 36.24
N PRO A 504 22.07 -4.55 36.76
CA PRO A 504 22.43 -5.86 36.21
C PRO A 504 21.25 -6.82 36.19
N SER A 505 20.08 -6.35 36.63
CA SER A 505 18.87 -7.15 36.75
C SER A 505 17.81 -6.65 35.78
N VAL A 506 17.04 -7.59 35.19
CA VAL A 506 16.02 -7.22 34.22
C VAL A 506 14.93 -6.35 34.86
N LEU A 507 14.31 -5.55 34.01
CA LEU A 507 13.28 -4.65 34.44
C LEU A 507 11.96 -4.77 33.72
N PHE A 508 11.83 -5.62 32.71
CA PHE A 508 10.56 -5.73 32.01
C PHE A 508 10.24 -7.12 31.55
N TYR A 509 8.97 -7.42 31.36
CA TYR A 509 8.56 -8.69 30.81
C TYR A 509 8.51 -8.40 29.33
N LEU A 510 9.20 -9.19 28.55
CA LEU A 510 9.28 -8.95 27.14
C LEU A 510 8.63 -9.98 26.30
N GLY A 511 7.62 -10.64 26.84
CA GLY A 511 6.94 -11.66 26.09
C GLY A 511 5.78 -11.21 25.26
N GLY A 512 5.45 -9.94 25.30
CA GLY A 512 4.32 -9.40 24.56
C GLY A 512 3.03 -9.45 25.37
N LEU A 513 2.06 -8.63 24.93
CA LEU A 513 0.84 -8.44 25.70
C LEU A 513 -0.01 -9.70 25.72
N GLY A 514 -0.08 -10.42 24.59
CA GLY A 514 -0.87 -11.64 24.54
C GLY A 514 -0.36 -12.74 25.45
N ASN A 515 0.96 -12.94 25.48
CA ASN A 515 1.52 -13.93 26.41
C ASN A 515 1.31 -13.51 27.85
N TYR A 516 1.38 -12.20 28.13
CA TYR A 516 1.15 -11.67 29.46
C TYR A 516 -0.30 -11.90 29.89
N ARG A 517 -1.24 -11.72 28.97
CA ARG A 517 -2.64 -11.99 29.29
C ARG A 517 -2.88 -13.47 29.57
N ASN A 518 -2.13 -14.35 28.89
CA ASN A 518 -2.29 -15.78 29.10
C ASN A 518 -1.76 -16.19 30.46
N VAL A 519 -0.68 -15.54 30.91
CA VAL A 519 -0.13 -15.81 32.24
C VAL A 519 -1.12 -15.38 33.30
N LEU A 520 -1.67 -14.17 33.18
CA LEU A 520 -2.60 -13.67 34.19
C LEU A 520 -3.83 -14.56 34.29
N ALA A 521 -4.40 -14.96 33.15
CA ALA A 521 -5.58 -15.82 33.16
C ALA A 521 -5.29 -17.17 33.80
N GLY A 522 -4.12 -17.74 33.50
CA GLY A 522 -3.78 -19.03 34.06
C GLY A 522 -3.67 -18.99 35.57
N VAL A 523 -3.12 -17.89 36.11
CA VAL A 523 -2.96 -17.74 37.56
C VAL A 523 -4.31 -17.74 38.25
N VAL A 524 -5.30 -17.02 37.68
CA VAL A 524 -6.63 -16.94 38.30
C VAL A 524 -7.33 -18.29 38.24
N ALA A 525 -7.30 -18.95 37.07
CA ALA A 525 -7.94 -20.25 36.91
C ALA A 525 -7.37 -21.30 37.84
N ASP A 526 -6.07 -21.24 38.10
CA ASP A 526 -5.37 -22.17 39.00
C ASP A 526 -5.51 -21.70 40.45
N SER A 527 -6.61 -21.02 40.77
CA SER A 527 -6.95 -20.64 42.15
C SER A 527 -5.91 -19.69 42.74
N TYR A 528 -5.49 -18.70 41.95
CA TYR A 528 -4.54 -17.67 42.38
C TYR A 528 -3.22 -18.27 42.86
N ARG A 529 -2.65 -19.14 42.01
CA ARG A 529 -1.36 -19.73 42.28
C ARG A 529 -0.32 -18.65 42.56
N GLY A 530 0.41 -18.80 43.67
CA GLY A 530 1.45 -17.88 44.06
C GLY A 530 1.09 -16.94 45.20
N PHE A 531 -0.21 -16.79 45.50
CA PHE A 531 -0.68 -15.85 46.50
C PHE A 531 -1.11 -16.59 47.76
N GLU A 532 -0.64 -16.11 48.91
CA GLU A 532 -1.16 -16.58 50.19
C GLU A 532 -2.41 -15.78 50.55
N LEU A 533 -3.44 -16.48 51.00
CA LEU A 533 -4.72 -15.87 51.36
C LEU A 533 -4.95 -16.06 52.84
N LYS A 534 -5.13 -14.96 53.56
CA LYS A 534 -5.42 -14.97 54.99
C LYS A 534 -6.91 -14.65 55.16
N SER A 535 -7.69 -15.63 55.58
CA SER A 535 -9.13 -15.49 55.68
C SER A 535 -9.51 -14.89 57.04
N ALA A 536 -10.81 -14.79 57.27
CA ALA A 536 -11.36 -14.32 58.55
C ALA A 536 -10.82 -12.94 58.94
N PRO B 7 -3.63 -30.64 -54.21
CA PRO B 7 -4.69 -30.28 -53.28
C PRO B 7 -4.60 -31.09 -51.99
N THR B 8 -3.57 -30.82 -51.18
CA THR B 8 -3.40 -31.52 -49.91
C THR B 8 -4.66 -31.36 -49.06
N VAL B 9 -5.06 -32.44 -48.40
CA VAL B 9 -6.27 -32.49 -47.59
C VAL B 9 -5.89 -32.85 -46.16
N VAL B 10 -6.31 -32.01 -45.21
CA VAL B 10 -6.10 -32.22 -43.78
C VAL B 10 -7.35 -31.75 -43.03
N ASP B 11 -7.36 -31.99 -41.72
CA ASP B 11 -8.57 -31.80 -40.93
C ASP B 11 -8.92 -30.33 -40.75
N ALA B 12 -7.95 -29.52 -40.30
CA ALA B 12 -8.21 -28.12 -40.05
C ALA B 12 -7.02 -27.27 -40.44
N VAL B 13 -7.28 -25.98 -40.62
CA VAL B 13 -6.26 -24.99 -40.95
C VAL B 13 -6.41 -23.81 -40.01
N VAL B 14 -5.27 -23.25 -39.59
CA VAL B 14 -5.22 -22.12 -38.66
C VAL B 14 -4.48 -20.98 -39.34
N ILE B 15 -5.11 -19.81 -39.40
CA ILE B 15 -4.48 -18.60 -39.93
C ILE B 15 -4.14 -17.69 -38.76
N GLY B 16 -2.85 -17.42 -38.57
CA GLY B 16 -2.37 -16.59 -37.47
C GLY B 16 -1.38 -17.38 -36.61
N ALA B 17 -0.25 -16.74 -36.30
CA ALA B 17 0.76 -17.35 -35.45
C ALA B 17 0.97 -16.58 -34.16
N GLY B 18 0.02 -15.74 -33.76
CA GLY B 18 0.07 -15.07 -32.47
C GLY B 18 -0.51 -15.95 -31.37
N PHE B 19 -1.09 -15.29 -30.37
CA PHE B 19 -1.65 -16.00 -29.21
C PHE B 19 -2.68 -17.04 -29.63
N GLY B 20 -3.70 -16.61 -30.38
CA GLY B 20 -4.76 -17.52 -30.76
C GLY B 20 -4.29 -18.68 -31.63
N GLY B 21 -3.48 -18.37 -32.65
CA GLY B 21 -3.04 -19.41 -33.56
C GLY B 21 -2.14 -20.43 -32.89
N ILE B 22 -1.27 -19.97 -31.99
CA ILE B 22 -0.40 -20.90 -31.27
C ILE B 22 -1.22 -21.87 -30.44
N TYR B 23 -2.19 -21.36 -29.68
CA TYR B 23 -3.06 -22.24 -28.89
C TYR B 23 -3.92 -23.12 -29.77
N ALA B 24 -4.38 -22.59 -30.92
CA ALA B 24 -5.33 -23.33 -31.74
C ALA B 24 -4.73 -24.63 -32.27
N VAL B 25 -3.51 -24.56 -32.82
CA VAL B 25 -2.90 -25.74 -33.40
C VAL B 25 -2.53 -26.74 -32.32
N HIS B 26 -2.02 -26.26 -31.18
CA HIS B 26 -1.70 -27.16 -30.08
C HIS B 26 -2.92 -27.93 -29.61
N LYS B 27 -4.08 -27.26 -29.54
CA LYS B 27 -5.28 -27.93 -29.05
C LYS B 27 -5.81 -28.92 -30.08
N LEU B 28 -5.85 -28.54 -31.36
CA LEU B 28 -6.43 -29.42 -32.37
C LEU B 28 -5.50 -30.58 -32.72
N HIS B 29 -4.22 -30.40 -32.51
CA HIS B 29 -3.34 -31.48 -32.83
C HIS B 29 -2.90 -32.26 -31.63
N ASN B 30 -2.26 -31.62 -30.66
CA ASN B 30 -1.72 -32.36 -29.52
C ASN B 30 -2.81 -33.03 -28.70
N GLU B 31 -3.90 -32.31 -28.43
CA GLU B 31 -4.94 -32.84 -27.58
C GLU B 31 -5.84 -33.82 -28.33
N GLN B 32 -6.07 -33.55 -29.60
CA GLN B 32 -7.10 -34.26 -30.35
C GLN B 32 -6.55 -35.15 -31.45
N GLY B 33 -5.27 -35.01 -31.80
CA GLY B 33 -4.64 -35.87 -32.79
C GLY B 33 -4.89 -35.50 -34.23
N LEU B 34 -5.64 -34.42 -34.48
CA LEU B 34 -5.94 -34.02 -35.85
C LEU B 34 -4.72 -33.43 -36.54
N THR B 35 -4.67 -33.63 -37.85
CA THR B 35 -3.62 -33.08 -38.68
C THR B 35 -4.01 -31.66 -39.09
N VAL B 36 -3.12 -30.71 -38.80
CA VAL B 36 -3.42 -29.28 -38.98
C VAL B 36 -2.19 -28.60 -39.55
N VAL B 37 -2.42 -27.65 -40.45
CA VAL B 37 -1.37 -26.80 -41.00
C VAL B 37 -1.70 -25.35 -40.63
N GLY B 38 -0.65 -24.55 -40.44
CA GLY B 38 -0.81 -23.17 -40.01
C GLY B 38 -0.09 -22.22 -40.93
N PHE B 39 -0.55 -20.96 -40.93
CA PHE B 39 -0.04 -19.95 -41.84
C PHE B 39 0.14 -18.62 -41.14
N ASP B 40 1.16 -17.88 -41.58
CA ASP B 40 1.37 -16.47 -41.24
C ASP B 40 2.41 -15.91 -42.19
N LYS B 41 2.24 -14.63 -42.56
CA LYS B 41 3.22 -13.95 -43.39
C LYS B 41 4.49 -13.60 -42.62
N ALA B 42 4.40 -13.49 -41.30
CA ALA B 42 5.59 -13.32 -40.48
C ALA B 42 6.53 -14.51 -40.64
N ASP B 43 7.83 -14.23 -40.57
CA ASP B 43 8.82 -15.29 -40.66
C ASP B 43 8.93 -16.12 -39.38
N GLY B 44 8.05 -15.87 -38.40
CA GLY B 44 8.05 -16.61 -37.16
C GLY B 44 6.82 -16.27 -36.31
N PRO B 45 6.69 -16.91 -35.17
CA PRO B 45 5.50 -16.73 -34.33
C PRO B 45 5.56 -15.40 -33.57
N GLY B 46 4.46 -15.12 -32.85
CA GLY B 46 4.38 -13.94 -32.01
C GLY B 46 3.20 -13.05 -32.32
N GLY B 47 2.74 -13.08 -33.57
CA GLY B 47 1.60 -12.27 -33.97
C GLY B 47 1.93 -10.80 -33.89
N THR B 48 1.02 -10.01 -33.30
CA THR B 48 1.24 -8.57 -33.20
C THR B 48 2.52 -8.23 -32.43
N TRP B 49 2.99 -9.14 -31.57
CA TRP B 49 4.27 -8.97 -30.90
C TRP B 49 5.47 -9.22 -31.81
N TYR B 50 5.25 -9.79 -32.99
CA TYR B 50 6.34 -9.93 -33.96
C TYR B 50 6.50 -8.65 -34.78
N TRP B 51 5.40 -7.97 -35.09
CA TRP B 51 5.45 -6.81 -35.98
C TRP B 51 5.80 -5.53 -35.23
N ASN B 52 5.28 -5.36 -34.01
CA ASN B 52 5.39 -4.09 -33.29
C ASN B 52 6.67 -4.11 -32.45
N ARG B 53 7.75 -3.60 -33.04
CA ARG B 53 9.04 -3.55 -32.37
C ARG B 53 9.46 -2.12 -32.04
N TYR B 54 8.53 -1.17 -32.10
CA TYR B 54 8.87 0.22 -31.81
C TYR B 54 9.34 0.36 -30.36
N PRO B 55 10.20 1.32 -30.07
CA PRO B 55 10.65 1.52 -28.68
C PRO B 55 9.47 1.89 -27.79
N GLY B 56 9.49 1.38 -26.56
CA GLY B 56 8.45 1.66 -25.59
C GLY B 56 7.29 0.71 -25.60
N ALA B 57 7.29 -0.29 -26.47
CA ALA B 57 6.24 -1.30 -26.47
C ALA B 57 6.16 -1.96 -25.11
N LEU B 58 4.98 -1.91 -24.50
CA LEU B 58 4.80 -2.44 -23.15
C LEU B 58 3.38 -2.99 -23.04
N SER B 59 3.24 -4.09 -22.31
CA SER B 59 1.92 -4.64 -22.05
C SER B 59 1.09 -3.71 -21.17
N ASP B 60 -0.22 -3.94 -21.24
CA ASP B 60 -1.18 -3.21 -20.46
C ASP B 60 -1.57 -4.04 -19.28
N THR B 61 -1.35 -5.33 -19.40
CA THR B 61 -1.61 -6.30 -18.35
C THR B 61 -0.31 -6.63 -17.63
N GLU B 62 -0.38 -6.81 -16.32
CA GLU B 62 0.80 -7.15 -15.53
C GLU B 62 1.38 -8.48 -16.00
N SER B 63 2.70 -8.62 -15.82
CA SER B 63 3.43 -9.74 -16.41
C SER B 63 2.83 -11.09 -16.02
N HIS B 64 2.52 -11.28 -14.73
CA HIS B 64 2.09 -12.61 -14.30
C HIS B 64 0.74 -13.00 -14.88
N LEU B 65 -0.03 -12.03 -15.39
CA LEU B 65 -1.33 -12.32 -15.98
C LEU B 65 -1.35 -12.24 -17.49
N TYR B 66 -0.33 -11.65 -18.13
CA TYR B 66 -0.31 -11.55 -19.59
C TYR B 66 0.41 -12.76 -20.21
N ARG B 67 -0.21 -13.93 -20.01
CA ARG B 67 0.38 -15.18 -20.52
C ARG B 67 -0.72 -16.24 -20.57
N PHE B 68 -0.36 -17.43 -21.03
CA PHE B 68 -1.27 -18.57 -21.05
C PHE B 68 -1.50 -19.10 -19.64
N SER B 69 -2.60 -19.84 -19.46
CA SER B 69 -2.97 -20.35 -18.16
C SER B 69 -3.44 -21.80 -18.15
N PHE B 70 -3.22 -22.56 -19.23
CA PHE B 70 -3.75 -23.92 -19.30
C PHE B 70 -2.76 -24.98 -18.86
N ASP B 71 -1.47 -24.66 -18.79
CA ASP B 71 -0.44 -25.62 -18.40
C ASP B 71 0.22 -25.13 -17.12
N ARG B 72 0.01 -25.86 -16.02
CA ARG B 72 0.56 -25.44 -14.74
C ARG B 72 2.07 -25.54 -14.73
N ASP B 73 2.64 -26.57 -15.35
CA ASP B 73 4.08 -26.70 -15.42
C ASP B 73 4.71 -25.49 -16.12
N LEU B 74 4.02 -24.95 -17.13
CA LEU B 74 4.50 -23.76 -17.81
C LEU B 74 4.40 -22.53 -16.91
N LEU B 75 3.30 -22.41 -16.16
CA LEU B 75 3.16 -21.31 -15.22
C LEU B 75 4.26 -21.32 -14.17
N GLN B 76 4.60 -22.51 -13.66
CA GLN B 76 5.63 -22.58 -12.63
C GLN B 76 7.02 -22.29 -13.19
N ASP B 77 7.22 -22.44 -14.49
CA ASP B 77 8.50 -22.16 -15.13
C ASP B 77 8.64 -20.73 -15.63
N GLY B 78 7.65 -19.86 -15.38
CA GLY B 78 7.66 -18.53 -15.97
C GLY B 78 8.51 -17.55 -15.19
N THR B 79 9.08 -16.58 -15.90
CA THR B 79 9.90 -15.56 -15.27
C THR B 79 9.76 -14.23 -15.99
N TRP B 80 10.06 -13.15 -15.27
CA TRP B 80 9.96 -11.80 -15.78
C TRP B 80 10.73 -10.88 -14.84
N LYS B 81 10.95 -9.65 -15.30
CA LYS B 81 11.83 -8.72 -14.60
C LYS B 81 11.12 -7.58 -13.89
N THR B 82 9.97 -7.13 -14.40
CA THR B 82 9.25 -6.00 -13.82
C THR B 82 7.77 -6.32 -13.79
N THR B 83 7.00 -5.43 -13.15
CA THR B 83 5.56 -5.68 -13.01
C THR B 83 4.84 -5.71 -14.34
N TYR B 84 5.45 -5.19 -15.39
CA TYR B 84 4.91 -5.25 -16.74
C TYR B 84 5.95 -5.84 -17.68
N ILE B 85 5.48 -6.38 -18.80
CA ILE B 85 6.32 -7.16 -19.69
C ILE B 85 6.46 -6.45 -21.04
N THR B 86 7.68 -6.45 -21.58
CA THR B 86 7.99 -5.73 -22.80
C THR B 86 7.94 -6.65 -24.03
N GLN B 87 8.04 -6.04 -25.21
CA GLN B 87 7.88 -6.79 -26.44
C GLN B 87 8.95 -7.86 -26.64
N PRO B 88 10.25 -7.62 -26.38
CA PRO B 88 11.20 -8.75 -26.47
C PRO B 88 10.88 -9.87 -25.50
N GLU B 89 10.43 -9.53 -24.29
CA GLU B 89 10.09 -10.59 -23.33
C GLU B 89 8.89 -11.39 -23.80
N ILE B 90 7.89 -10.73 -24.37
CA ILE B 90 6.69 -11.44 -24.81
C ILE B 90 7.02 -12.36 -25.98
N LEU B 91 7.80 -11.86 -26.94
CA LEU B 91 8.16 -12.66 -28.10
C LEU B 91 8.97 -13.90 -27.70
N GLU B 92 9.92 -13.73 -26.79
CA GLU B 92 10.69 -14.86 -26.31
C GLU B 92 9.78 -15.89 -25.64
N TYR B 93 8.75 -15.43 -24.93
CA TYR B 93 7.82 -16.34 -24.27
C TYR B 93 7.03 -17.15 -25.29
N LEU B 94 6.48 -16.48 -26.31
CA LEU B 94 5.69 -17.17 -27.33
C LEU B 94 6.56 -18.11 -28.16
N GLU B 95 7.85 -17.79 -28.32
CA GLU B 95 8.77 -18.71 -28.98
C GLU B 95 9.08 -19.90 -28.08
N SER B 96 9.17 -19.66 -26.77
CA SER B 96 9.37 -20.76 -25.84
C SER B 96 8.19 -21.72 -25.85
N VAL B 97 6.96 -21.19 -25.97
CA VAL B 97 5.78 -22.04 -25.98
C VAL B 97 5.75 -22.89 -27.24
N VAL B 98 6.14 -22.32 -28.38
CA VAL B 98 6.12 -23.07 -29.63
C VAL B 98 7.08 -24.26 -29.55
N ASP B 99 8.27 -24.05 -28.99
CA ASP B 99 9.23 -25.14 -28.89
C ASP B 99 8.80 -26.16 -27.83
N ARG B 100 8.21 -25.70 -26.73
CA ARG B 100 7.91 -26.58 -25.61
C ARG B 100 6.93 -27.68 -26.01
N PHE B 101 5.95 -27.36 -26.85
CA PHE B 101 4.91 -28.30 -27.24
C PHE B 101 5.13 -28.86 -28.64
N ASP B 102 6.26 -28.56 -29.27
CA ASP B 102 6.62 -29.05 -30.61
C ASP B 102 5.57 -28.63 -31.65
N LEU B 103 5.57 -27.33 -31.91
CA LEU B 103 4.54 -26.72 -32.75
C LEU B 103 5.09 -25.99 -33.96
N ARG B 104 6.40 -25.73 -34.01
CA ARG B 104 6.96 -24.91 -35.09
C ARG B 104 6.80 -25.57 -36.45
N ARG B 105 6.84 -26.89 -36.51
CA ARG B 105 6.86 -27.58 -37.80
C ARG B 105 5.49 -27.70 -38.44
N HIS B 106 4.41 -27.39 -37.71
CA HIS B 106 3.08 -27.41 -38.28
C HIS B 106 2.67 -26.06 -38.87
N PHE B 107 3.59 -25.08 -38.86
CA PHE B 107 3.35 -23.76 -39.43
C PHE B 107 4.19 -23.56 -40.69
N ARG B 108 3.58 -22.94 -41.69
CA ARG B 108 4.28 -22.51 -42.90
C ARG B 108 4.40 -20.99 -42.85
N PHE B 109 5.56 -20.48 -42.44
CA PHE B 109 5.77 -19.06 -42.25
C PHE B 109 6.08 -18.36 -43.57
N GLY B 110 6.06 -17.02 -43.51
CA GLY B 110 6.22 -16.23 -44.72
C GLY B 110 5.18 -16.52 -45.79
N THR B 111 4.02 -17.02 -45.40
CA THR B 111 3.01 -17.54 -46.33
C THR B 111 1.67 -16.87 -46.02
N GLU B 112 1.27 -15.94 -46.87
CA GLU B 112 -0.02 -15.29 -46.72
C GLU B 112 -1.12 -16.16 -47.33
N VAL B 113 -2.25 -16.25 -46.64
CA VAL B 113 -3.42 -16.94 -47.18
C VAL B 113 -4.15 -15.97 -48.10
N THR B 114 -4.35 -16.37 -49.35
CA THR B 114 -4.94 -15.48 -50.35
C THR B 114 -6.43 -15.73 -50.56
N SER B 115 -6.89 -16.98 -50.50
CA SER B 115 -8.28 -17.29 -50.78
C SER B 115 -8.75 -18.42 -49.88
N ALA B 116 -10.05 -18.39 -49.56
CA ALA B 116 -10.68 -19.44 -48.77
C ALA B 116 -12.14 -19.52 -49.16
N ILE B 117 -12.50 -20.53 -49.94
CA ILE B 117 -13.87 -20.71 -50.44
C ILE B 117 -14.38 -22.07 -49.98
N TYR B 118 -15.69 -22.17 -49.76
CA TYR B 118 -16.33 -23.37 -49.26
C TYR B 118 -17.26 -23.95 -50.32
N LEU B 119 -17.27 -25.28 -50.44
CA LEU B 119 -18.02 -26.00 -51.45
C LEU B 119 -19.28 -26.59 -50.81
N GLU B 120 -20.44 -26.00 -51.10
CA GLU B 120 -21.63 -26.22 -50.28
C GLU B 120 -22.03 -27.70 -50.24
N ASP B 121 -21.97 -28.39 -51.37
CA ASP B 121 -22.37 -29.79 -51.42
C ASP B 121 -21.26 -30.73 -50.98
N GLU B 122 -20.01 -30.27 -50.96
CA GLU B 122 -18.86 -31.11 -50.67
C GLU B 122 -18.34 -30.93 -49.25
N ASN B 123 -18.78 -29.88 -48.54
CA ASN B 123 -18.46 -29.67 -47.13
C ASN B 123 -16.95 -29.65 -46.88
N LEU B 124 -16.24 -28.91 -47.75
CA LEU B 124 -14.81 -28.70 -47.62
C LEU B 124 -14.50 -27.22 -47.76
N TRP B 125 -13.33 -26.82 -47.26
CA TRP B 125 -12.79 -25.48 -47.46
C TRP B 125 -11.49 -25.61 -48.23
N GLU B 126 -11.44 -24.99 -49.42
CA GLU B 126 -10.22 -24.95 -50.22
C GLU B 126 -9.52 -23.63 -49.97
N VAL B 127 -8.26 -23.71 -49.53
CA VAL B 127 -7.49 -22.54 -49.13
C VAL B 127 -6.25 -22.47 -50.00
N SER B 128 -6.05 -21.33 -50.65
CA SER B 128 -4.92 -21.13 -51.54
C SER B 128 -4.01 -20.05 -50.97
N THR B 129 -2.73 -20.16 -51.29
CA THR B 129 -1.69 -19.28 -50.76
C THR B 129 -1.16 -18.36 -51.84
N ASP B 130 -0.37 -17.38 -51.40
CA ASP B 130 0.41 -16.56 -52.31
C ASP B 130 1.64 -17.28 -52.84
N LYS B 131 1.93 -18.47 -52.32
CA LYS B 131 3.02 -19.31 -52.83
C LYS B 131 2.52 -20.36 -53.82
N GLY B 132 1.24 -20.33 -54.16
CA GLY B 132 0.75 -21.20 -55.21
C GLY B 132 0.43 -22.62 -54.79
N GLU B 133 0.31 -22.88 -53.49
CA GLU B 133 -0.14 -24.18 -53.01
C GLU B 133 -1.58 -24.09 -52.56
N VAL B 134 -2.27 -25.22 -52.62
CA VAL B 134 -3.69 -25.29 -52.31
C VAL B 134 -3.92 -26.36 -51.24
N TYR B 135 -4.82 -26.07 -50.31
CA TYR B 135 -5.17 -26.99 -49.23
C TYR B 135 -6.68 -27.13 -49.13
N ARG B 136 -7.13 -28.28 -48.64
CA ARG B 136 -8.53 -28.56 -48.42
C ARG B 136 -8.73 -29.08 -46.99
N ALA B 137 -9.67 -28.48 -46.26
CA ALA B 137 -9.88 -28.80 -44.85
C ALA B 137 -11.36 -28.77 -44.51
N LYS B 138 -11.73 -29.59 -43.53
CA LYS B 138 -13.10 -29.57 -43.02
C LYS B 138 -13.32 -28.40 -42.07
N TYR B 139 -12.29 -27.96 -41.35
CA TYR B 139 -12.43 -26.85 -40.41
C TYR B 139 -11.38 -25.78 -40.71
N VAL B 140 -11.71 -24.55 -40.36
CA VAL B 140 -10.77 -23.44 -40.40
C VAL B 140 -11.10 -22.48 -39.27
N VAL B 141 -10.09 -22.08 -38.52
CA VAL B 141 -10.27 -21.04 -37.51
C VAL B 141 -9.40 -19.85 -37.90
N ASN B 142 -9.92 -18.65 -37.62
CA ASN B 142 -9.31 -17.40 -38.03
C ASN B 142 -8.87 -16.65 -36.79
N ALA B 143 -7.56 -16.60 -36.56
CA ALA B 143 -7.01 -15.84 -35.46
C ALA B 143 -6.11 -14.73 -36.01
N VAL B 144 -6.64 -13.94 -36.95
CA VAL B 144 -5.81 -13.01 -37.72
C VAL B 144 -5.64 -11.67 -37.04
N GLY B 145 -6.17 -11.50 -35.82
CA GLY B 145 -5.87 -10.30 -35.05
C GLY B 145 -6.43 -9.04 -35.69
N LEU B 146 -5.66 -7.97 -35.57
CA LEU B 146 -6.11 -6.62 -35.93
C LEU B 146 -5.09 -5.93 -36.84
N LEU B 147 -4.33 -6.70 -37.63
CA LEU B 147 -3.28 -6.12 -38.47
C LEU B 147 -3.83 -5.02 -39.37
N SER B 148 -4.95 -5.30 -40.05
CA SER B 148 -5.77 -4.32 -40.80
C SER B 148 -4.86 -3.52 -41.74
N ALA B 149 -4.97 -2.20 -41.79
CA ALA B 149 -4.12 -1.38 -42.65
C ALA B 149 -3.04 -0.70 -41.81
N ILE B 150 -2.82 0.60 -42.06
CA ILE B 150 -1.81 1.37 -41.35
C ILE B 150 -2.33 2.79 -41.15
N ASN B 151 -3.37 3.14 -41.90
CA ASN B 151 -4.05 4.43 -41.76
C ASN B 151 -3.09 5.59 -42.06
N PHE B 152 -2.41 5.51 -43.18
CA PHE B 152 -1.45 6.55 -43.57
C PHE B 152 -2.12 7.86 -43.96
N PRO B 153 -1.83 8.94 -43.24
CA PRO B 153 -2.40 10.25 -43.60
C PRO B 153 -1.63 10.86 -44.77
N ASP B 154 -2.30 11.03 -45.90
CA ASP B 154 -1.69 11.56 -47.11
C ASP B 154 -1.59 13.08 -46.98
N LEU B 155 -0.45 13.54 -46.48
CA LEU B 155 -0.24 14.95 -46.34
C LEU B 155 0.34 15.53 -47.62
N PRO B 156 0.55 16.85 -47.63
CA PRO B 156 1.07 17.65 -48.74
C PRO B 156 2.54 17.49 -48.96
N GLY B 157 2.87 17.11 -50.18
CA GLY B 157 4.22 16.93 -50.61
C GLY B 157 5.04 16.06 -49.70
N LEU B 158 4.59 14.86 -49.41
CA LEU B 158 5.33 13.95 -48.55
C LEU B 158 6.64 13.65 -49.22
N ASP B 159 6.54 13.32 -50.50
CA ASP B 159 7.73 13.02 -51.29
C ASP B 159 8.57 14.29 -51.42
N THR B 160 9.45 14.49 -50.45
CA THR B 160 10.43 15.56 -50.46
C THR B 160 11.51 15.21 -49.47
N PHE B 161 11.11 14.56 -48.38
CA PHE B 161 11.90 14.51 -47.16
C PHE B 161 13.26 13.87 -47.40
N GLU B 162 14.31 14.52 -46.88
CA GLU B 162 15.66 14.03 -47.05
C GLU B 162 15.93 12.81 -46.17
N GLY B 163 15.42 12.84 -44.94
CA GLY B 163 15.68 11.79 -43.99
C GLY B 163 14.81 10.56 -44.19
N GLU B 164 14.19 10.10 -43.12
CA GLU B 164 13.45 8.85 -43.15
C GLU B 164 12.10 9.01 -42.47
N THR B 165 11.09 8.36 -43.05
CA THR B 165 9.78 8.24 -42.46
C THR B 165 9.62 6.84 -41.87
N ILE B 166 8.99 6.75 -40.70
CA ILE B 166 8.82 5.47 -40.01
C ILE B 166 7.43 5.39 -39.40
N HIS B 167 6.68 4.33 -39.72
CA HIS B 167 5.44 4.01 -39.02
C HIS B 167 5.72 2.97 -37.94
N THR B 168 5.05 3.15 -36.78
CA THR B 168 5.35 2.33 -35.61
C THR B 168 5.10 0.85 -35.85
N ALA B 169 4.30 0.49 -36.87
CA ALA B 169 4.05 -0.91 -37.16
C ALA B 169 5.15 -1.55 -37.98
N ALA B 170 6.12 -0.78 -38.48
CA ALA B 170 7.23 -1.32 -39.23
C ALA B 170 8.52 -0.64 -38.78
N TRP B 171 8.80 -0.71 -37.49
CA TRP B 171 10.01 -0.08 -36.96
C TRP B 171 11.23 -0.86 -37.41
N PRO B 172 12.20 -0.23 -38.07
CA PRO B 172 13.40 -0.96 -38.51
C PRO B 172 14.23 -1.41 -37.32
N GLU B 173 14.67 -2.66 -37.37
CA GLU B 173 15.33 -3.28 -36.23
C GLU B 173 16.56 -2.49 -35.79
N GLY B 174 16.58 -2.11 -34.51
CA GLY B 174 17.75 -1.50 -33.92
C GLY B 174 18.16 -0.16 -34.49
N LYS B 175 17.21 0.63 -34.99
CA LYS B 175 17.53 1.96 -35.51
C LYS B 175 17.73 2.91 -34.33
N ASN B 176 18.99 3.32 -34.14
CA ASN B 176 19.34 4.30 -33.13
C ASN B 176 19.08 5.71 -33.67
N LEU B 177 18.27 6.49 -32.95
CA LEU B 177 17.98 7.87 -33.32
C LEU B 177 18.70 8.88 -32.42
N ALA B 178 19.46 8.42 -31.43
CA ALA B 178 20.15 9.30 -30.50
C ALA B 178 21.01 10.31 -31.24
N GLY B 179 20.57 11.56 -31.28
CA GLY B 179 21.28 12.62 -31.95
C GLY B 179 20.54 13.26 -33.10
N LYS B 180 19.45 12.66 -33.57
CA LYS B 180 18.69 13.21 -34.67
C LYS B 180 17.54 14.08 -34.17
N ARG B 181 16.87 14.75 -35.10
CA ARG B 181 15.72 15.59 -34.81
C ARG B 181 14.47 14.87 -35.29
N VAL B 182 13.60 14.48 -34.36
CA VAL B 182 12.53 13.54 -34.63
C VAL B 182 11.18 14.22 -34.44
N GLY B 183 10.21 13.79 -35.22
CA GLY B 183 8.84 14.27 -35.07
C GLY B 183 7.86 13.12 -35.10
N VAL B 184 6.84 13.21 -34.23
CA VAL B 184 5.83 12.18 -34.07
C VAL B 184 4.45 12.78 -34.36
N ILE B 185 3.62 12.00 -35.05
CA ILE B 185 2.23 12.36 -35.30
C ILE B 185 1.36 11.23 -34.72
N GLY B 186 0.66 11.52 -33.64
CA GLY B 186 -0.19 10.52 -33.01
C GLY B 186 0.05 10.37 -31.52
N THR B 187 -0.99 10.58 -30.72
CA THR B 187 -0.86 10.60 -29.27
C THR B 187 -1.71 9.52 -28.60
N GLY B 188 -1.99 8.43 -29.30
CA GLY B 188 -2.69 7.30 -28.72
C GLY B 188 -1.76 6.45 -27.87
N SER B 189 -2.04 5.15 -27.82
CA SER B 189 -1.24 4.21 -27.03
C SER B 189 0.22 4.19 -27.48
N THR B 190 0.50 3.65 -28.67
CA THR B 190 1.88 3.57 -29.13
C THR B 190 2.50 4.96 -29.22
N GLY B 191 1.68 5.97 -29.53
CA GLY B 191 2.20 7.33 -29.63
C GLY B 191 2.86 7.79 -28.35
N GLN B 192 2.15 7.66 -27.22
CA GLN B 192 2.73 8.07 -25.95
C GLN B 192 3.95 7.23 -25.59
N GLN B 193 3.87 5.92 -25.84
CA GLN B 193 5.00 5.04 -25.54
C GLN B 193 6.25 5.47 -26.30
N VAL B 194 6.12 5.69 -27.61
CA VAL B 194 7.29 6.06 -28.41
C VAL B 194 7.84 7.40 -27.98
N ILE B 195 6.95 8.34 -27.63
CA ILE B 195 7.38 9.68 -27.28
C ILE B 195 8.20 9.66 -26.00
N THR B 196 7.76 8.89 -25.01
CA THR B 196 8.47 8.83 -23.74
C THR B 196 9.79 8.07 -23.86
N ALA B 197 9.85 7.06 -24.73
CA ALA B 197 11.10 6.35 -24.93
C ALA B 197 12.10 7.15 -25.75
N LEU B 198 11.63 8.00 -26.66
CA LEU B 198 12.54 8.73 -27.54
C LEU B 198 13.07 10.01 -26.92
N ALA B 199 12.30 10.63 -26.01
CA ALA B 199 12.66 11.94 -25.50
C ALA B 199 14.03 12.00 -24.83
N PRO B 200 14.44 11.05 -23.98
CA PRO B 200 15.77 11.15 -23.37
C PRO B 200 16.92 10.85 -24.32
N GLU B 201 16.66 10.43 -25.55
CA GLU B 201 17.71 10.10 -26.52
C GLU B 201 17.82 11.10 -27.65
N VAL B 202 16.68 11.55 -28.17
CA VAL B 202 16.66 12.40 -29.35
C VAL B 202 17.24 13.77 -29.03
N GLU B 203 17.93 14.36 -30.01
CA GLU B 203 18.42 15.72 -29.82
C GLU B 203 17.28 16.71 -29.65
N HIS B 204 16.22 16.58 -30.45
CA HIS B 204 15.05 17.44 -30.32
C HIS B 204 13.80 16.73 -30.82
N LEU B 205 12.76 16.74 -30.00
CA LEU B 205 11.48 16.09 -30.29
C LEU B 205 10.39 17.13 -30.50
N THR B 206 9.52 16.89 -31.48
CA THR B 206 8.34 17.71 -31.69
C THR B 206 7.14 16.84 -32.01
N VAL B 207 6.04 17.06 -31.30
CA VAL B 207 4.85 16.26 -31.42
C VAL B 207 3.70 16.98 -32.02
N PHE B 208 3.03 16.39 -32.98
CA PHE B 208 1.92 17.08 -33.59
C PHE B 208 0.63 16.51 -33.09
N VAL B 209 0.15 17.10 -32.01
CA VAL B 209 -1.04 16.68 -31.33
C VAL B 209 -2.37 17.08 -31.87
N ARG B 210 -3.18 16.10 -32.16
CA ARG B 210 -4.52 16.36 -32.68
C ARG B 210 -5.53 16.41 -31.54
N THR B 211 -5.69 15.31 -30.80
CA THR B 211 -6.60 15.26 -29.66
C THR B 211 -5.90 14.62 -28.47
N PRO B 212 -5.59 15.38 -27.41
CA PRO B 212 -4.95 14.77 -26.24
C PRO B 212 -5.92 13.88 -25.47
N GLN B 213 -5.40 12.75 -24.98
CA GLN B 213 -6.20 11.75 -24.30
C GLN B 213 -5.87 11.68 -22.80
N TYR B 214 -6.74 11.01 -22.06
CA TYR B 214 -6.54 10.81 -20.62
C TYR B 214 -5.54 9.68 -20.39
N SER B 215 -4.59 9.91 -19.49
CA SER B 215 -3.56 8.89 -19.23
C SER B 215 -3.16 8.88 -17.77
N VAL B 216 -2.99 7.69 -17.20
CA VAL B 216 -2.61 7.53 -15.80
C VAL B 216 -1.29 6.78 -15.75
N PRO B 217 -0.53 6.89 -14.65
CA PRO B 217 0.74 6.15 -14.57
C PRO B 217 0.53 4.64 -14.68
N VAL B 218 1.56 3.95 -15.18
CA VAL B 218 1.52 2.50 -15.28
C VAL B 218 2.09 1.83 -14.03
N GLY B 219 3.13 2.41 -13.45
CA GLY B 219 3.78 1.82 -12.29
C GLY B 219 4.53 0.54 -12.59
N ASN B 220 5.41 0.57 -13.61
CA ASN B 220 6.26 -0.58 -13.93
C ASN B 220 7.47 -0.56 -13.01
N ARG B 221 7.49 -1.46 -12.04
CA ARG B 221 8.52 -1.52 -11.00
C ARG B 221 9.25 -2.85 -11.06
N PRO B 222 10.48 -2.92 -10.53
CA PRO B 222 11.21 -4.19 -10.54
C PRO B 222 10.56 -5.17 -9.60
N VAL B 223 10.84 -6.45 -9.83
CA VAL B 223 10.23 -7.55 -9.09
C VAL B 223 11.35 -8.47 -8.59
N THR B 224 11.23 -8.91 -7.34
CA THR B 224 12.19 -9.84 -6.77
C THR B 224 11.75 -11.29 -6.97
N LYS B 225 12.68 -12.21 -6.73
CA LYS B 225 12.38 -13.63 -6.83
C LYS B 225 11.30 -14.04 -5.84
N GLU B 226 11.40 -13.57 -4.59
CA GLU B 226 10.39 -13.87 -3.59
C GLU B 226 9.00 -13.47 -4.07
N GLN B 227 8.90 -12.33 -4.75
CA GLN B 227 7.60 -11.89 -5.26
C GLN B 227 7.06 -12.85 -6.31
N ILE B 228 7.93 -13.36 -7.18
CA ILE B 228 7.47 -14.28 -8.21
C ILE B 228 7.11 -15.63 -7.59
N ASP B 229 7.87 -16.06 -6.57
CA ASP B 229 7.54 -17.32 -5.90
C ASP B 229 6.22 -17.22 -5.14
N ALA B 230 5.93 -16.05 -4.55
CA ALA B 230 4.67 -15.87 -3.86
C ALA B 230 3.48 -15.89 -4.82
N ILE B 231 3.66 -15.42 -6.05
CA ILE B 231 2.57 -15.49 -7.02
C ILE B 231 2.35 -16.92 -7.46
N LYS B 232 3.44 -17.68 -7.66
CA LYS B 232 3.33 -19.06 -8.14
C LYS B 232 2.67 -19.99 -7.12
N ALA B 233 2.67 -19.61 -5.84
CA ALA B 233 2.11 -20.49 -4.81
C ALA B 233 0.59 -20.40 -4.75
N ASP B 234 0.04 -19.22 -5.01
CA ASP B 234 -1.39 -19.05 -5.28
C ASP B 234 -1.51 -18.70 -6.75
N TYR B 235 -1.45 -19.70 -7.61
CA TYR B 235 -1.67 -19.45 -9.00
C TYR B 235 -3.05 -20.02 -9.30
N ASP B 236 -3.37 -21.21 -8.79
CA ASP B 236 -4.70 -21.75 -9.01
C ASP B 236 -5.79 -20.77 -8.59
N GLY B 237 -5.62 -20.14 -7.42
CA GLY B 237 -6.61 -19.17 -6.97
C GLY B 237 -6.58 -17.87 -7.74
N ILE B 238 -5.41 -17.47 -8.25
CA ILE B 238 -5.31 -16.20 -8.97
C ILE B 238 -6.09 -16.28 -10.29
N TRP B 239 -5.86 -17.34 -11.07
CA TRP B 239 -6.60 -17.50 -12.33
C TRP B 239 -8.08 -17.76 -12.10
N ASP B 240 -8.44 -18.42 -11.00
CA ASP B 240 -9.87 -18.62 -10.72
C ASP B 240 -10.58 -17.29 -10.52
N SER B 241 -9.94 -16.33 -9.89
CA SER B 241 -10.57 -15.06 -9.72
C SER B 241 -10.52 -14.25 -10.98
N VAL B 242 -9.45 -14.39 -11.74
CA VAL B 242 -9.36 -13.63 -13.00
C VAL B 242 -10.51 -14.00 -13.92
N LYS B 243 -10.76 -15.31 -14.09
CA LYS B 243 -11.78 -15.78 -15.02
C LYS B 243 -13.20 -15.53 -14.52
N LYS B 244 -13.38 -15.23 -13.23
CA LYS B 244 -14.70 -14.85 -12.73
C LYS B 244 -14.95 -13.36 -12.81
N SER B 245 -13.90 -12.56 -12.99
CA SER B 245 -14.03 -11.11 -13.02
C SER B 245 -14.53 -10.65 -14.39
N ALA B 246 -14.72 -9.34 -14.52
CA ALA B 246 -15.13 -8.74 -15.79
C ALA B 246 -13.95 -8.27 -16.62
N VAL B 247 -13.00 -7.56 -16.02
CA VAL B 247 -11.89 -6.99 -16.76
C VAL B 247 -10.70 -7.95 -16.86
N ALA B 248 -10.55 -8.86 -15.88
CA ALA B 248 -9.53 -9.90 -15.90
C ALA B 248 -8.12 -9.31 -15.83
N ALA B 249 -7.96 -8.23 -15.06
CA ALA B 249 -6.69 -7.56 -14.88
C ALA B 249 -6.04 -7.88 -13.53
N GLY B 250 -6.70 -8.64 -12.67
CA GLY B 250 -6.10 -9.06 -11.42
C GLY B 250 -6.23 -8.11 -10.26
N PHE B 251 -7.24 -7.25 -10.24
CA PHE B 251 -7.58 -6.45 -9.07
C PHE B 251 -9.06 -6.62 -8.76
N GLU B 252 -9.45 -6.22 -7.56
CA GLU B 252 -10.86 -6.26 -7.18
C GLU B 252 -11.62 -5.14 -7.87
N GLU B 253 -12.70 -5.49 -8.58
CA GLU B 253 -13.52 -4.49 -9.25
C GLU B 253 -14.49 -3.89 -8.24
N SER B 254 -14.61 -2.57 -8.24
CA SER B 254 -15.34 -1.87 -7.21
C SER B 254 -16.83 -1.79 -7.57
N THR B 255 -17.67 -1.83 -6.53
CA THR B 255 -19.11 -1.58 -6.65
C THR B 255 -19.50 -0.26 -5.99
N LEU B 256 -18.55 0.53 -5.53
CA LEU B 256 -18.87 1.72 -4.75
C LEU B 256 -19.23 2.89 -5.66
N PRO B 257 -20.41 3.49 -5.53
CA PRO B 257 -20.75 4.66 -6.35
C PRO B 257 -19.92 5.88 -5.98
N ALA B 258 -19.30 6.49 -7.00
CA ALA B 258 -18.28 7.51 -6.76
C ALA B 258 -18.81 8.71 -5.99
N MET B 259 -20.04 9.13 -6.27
CA MET B 259 -20.60 10.31 -5.64
C MET B 259 -21.29 10.01 -4.30
N SER B 260 -21.10 8.81 -3.74
CA SER B 260 -21.72 8.49 -2.46
C SER B 260 -20.78 8.67 -1.27
N VAL B 261 -19.49 8.96 -1.49
CA VAL B 261 -18.58 9.30 -0.40
C VAL B 261 -18.25 10.78 -0.46
N SER B 262 -17.61 11.27 0.61
CA SER B 262 -17.24 12.67 0.70
C SER B 262 -16.13 13.00 -0.31
N GLU B 263 -15.99 14.29 -0.61
CA GLU B 263 -15.00 14.73 -1.58
C GLU B 263 -13.60 14.32 -1.19
N GLU B 264 -13.25 14.48 0.10
CA GLU B 264 -11.92 14.09 0.55
C GLU B 264 -11.67 12.61 0.34
N GLU B 265 -12.70 11.78 0.55
CA GLU B 265 -12.51 10.35 0.35
C GLU B 265 -12.43 10.00 -1.12
N ARG B 266 -13.21 10.69 -1.96
CA ARG B 266 -13.16 10.43 -3.40
C ARG B 266 -11.77 10.75 -3.95
N ASN B 267 -11.19 11.87 -3.54
CA ASN B 267 -9.83 12.20 -3.95
C ASN B 267 -8.81 11.19 -3.42
N ARG B 268 -9.01 10.68 -2.19
CA ARG B 268 -8.05 9.72 -1.64
C ARG B 268 -8.05 8.43 -2.44
N ILE B 269 -9.24 7.93 -2.80
CA ILE B 269 -9.33 6.72 -3.62
C ILE B 269 -8.65 6.93 -4.97
N PHE B 270 -8.88 8.07 -5.64
CA PHE B 270 -8.24 8.32 -6.93
C PHE B 270 -6.73 8.44 -6.78
N GLN B 271 -6.27 9.14 -5.74
CA GLN B 271 -4.83 9.33 -5.53
C GLN B 271 -4.14 7.99 -5.26
N GLU B 272 -4.78 7.10 -4.51
CA GLU B 272 -4.18 5.81 -4.17
C GLU B 272 -3.98 4.95 -5.41
N ALA B 273 -4.94 4.98 -6.34
CA ALA B 273 -4.81 4.21 -7.57
C ALA B 273 -3.84 4.88 -8.54
N TRP B 274 -3.82 6.22 -8.56
CA TRP B 274 -2.82 6.93 -9.36
C TRP B 274 -1.41 6.51 -8.96
N ASP B 275 -1.14 6.50 -7.65
CA ASP B 275 0.17 6.12 -7.14
C ASP B 275 0.49 4.65 -7.41
N HIS B 276 -0.53 3.79 -7.47
CA HIS B 276 -0.26 2.37 -7.70
C HIS B 276 -0.01 2.10 -9.18
N GLY B 277 -0.86 2.62 -10.04
CA GLY B 277 -0.70 2.48 -11.47
C GLY B 277 -1.75 1.57 -12.07
N GLY B 278 -2.00 1.77 -13.36
CA GLY B 278 -2.88 0.91 -14.13
C GLY B 278 -4.04 1.71 -14.69
N GLY B 279 -4.24 1.61 -16.00
CA GLY B 279 -5.41 2.22 -16.61
C GLY B 279 -6.69 1.55 -16.16
N ALA B 280 -6.77 0.23 -16.30
CA ALA B 280 -7.96 -0.51 -15.89
C ALA B 280 -8.30 -0.27 -14.42
N ARG B 281 -7.27 -0.19 -13.56
CA ARG B 281 -7.52 -0.05 -12.13
C ARG B 281 -8.11 1.32 -11.81
N PHE B 282 -7.65 2.36 -12.52
CA PHE B 282 -8.20 3.69 -12.27
C PHE B 282 -9.67 3.78 -12.65
N MET B 283 -10.07 3.09 -13.73
CA MET B 283 -11.42 3.20 -14.26
C MET B 283 -12.41 2.25 -13.58
N PHE B 284 -11.96 1.07 -13.12
CA PHE B 284 -12.85 0.09 -12.51
C PHE B 284 -12.41 -0.38 -11.14
N GLY B 285 -11.19 -0.07 -10.71
CA GLY B 285 -10.78 -0.46 -9.37
C GLY B 285 -11.04 0.57 -8.29
N THR B 286 -11.49 1.76 -8.66
CA THR B 286 -11.77 2.85 -7.70
C THR B 286 -13.25 2.90 -7.33
N PHE B 287 -14.12 3.04 -8.31
CA PHE B 287 -15.55 3.11 -8.12
C PHE B 287 -16.22 2.23 -9.15
N GLY B 288 -17.52 2.04 -8.99
CA GLY B 288 -18.23 1.09 -9.81
C GLY B 288 -19.05 1.67 -10.93
N ASP B 289 -19.14 3.00 -11.03
CA ASP B 289 -20.05 3.62 -11.99
C ASP B 289 -19.36 4.68 -12.83
N ILE B 290 -18.04 4.64 -12.92
CA ILE B 290 -17.32 5.65 -13.71
C ILE B 290 -17.70 5.58 -15.19
N ALA B 291 -17.98 4.37 -15.70
CA ALA B 291 -18.37 4.22 -17.09
C ALA B 291 -19.88 4.29 -17.30
N THR B 292 -20.65 4.49 -16.25
CA THR B 292 -22.10 4.52 -16.38
C THR B 292 -22.74 5.81 -15.89
N ASP B 293 -22.13 6.50 -14.95
CA ASP B 293 -22.74 7.68 -14.34
C ASP B 293 -22.02 8.95 -14.78
N GLU B 294 -22.79 9.97 -15.15
CA GLU B 294 -22.22 11.20 -15.67
C GLU B 294 -21.41 11.94 -14.62
N ALA B 295 -21.90 11.99 -13.39
CA ALA B 295 -21.17 12.70 -12.35
C ALA B 295 -19.92 11.94 -11.94
N ALA B 296 -20.00 10.62 -11.90
CA ALA B 296 -18.83 9.84 -11.51
C ALA B 296 -17.73 9.96 -12.55
N ASN B 297 -18.13 9.89 -13.83
CA ASN B 297 -17.18 10.03 -14.93
C ASN B 297 -16.50 11.39 -14.90
N GLU B 298 -17.26 12.46 -14.64
CA GLU B 298 -16.67 13.79 -14.58
C GLU B 298 -15.68 13.90 -13.42
N ALA B 299 -15.99 13.26 -12.29
CA ALA B 299 -15.08 13.26 -11.16
C ALA B 299 -13.76 12.60 -11.54
N ALA B 300 -13.81 11.48 -12.24
CA ALA B 300 -12.58 10.82 -12.70
C ALA B 300 -11.83 11.69 -13.70
N ALA B 301 -12.55 12.34 -14.62
CA ALA B 301 -11.89 13.10 -15.69
C ALA B 301 -11.14 14.30 -15.13
N SER B 302 -11.78 15.11 -14.30
CA SER B 302 -11.12 16.30 -13.78
C SER B 302 -10.02 15.95 -12.78
N PHE B 303 -10.02 14.75 -12.21
CA PHE B 303 -8.90 14.37 -11.36
C PHE B 303 -7.63 14.19 -12.19
N ILE B 304 -7.76 13.49 -13.31
CA ILE B 304 -6.65 13.33 -14.25
C ILE B 304 -6.18 14.70 -14.76
N ARG B 305 -7.13 15.60 -15.03
CA ARG B 305 -6.77 16.93 -15.53
C ARG B 305 -5.97 17.70 -14.50
N SER B 306 -6.39 17.66 -13.23
CA SER B 306 -5.63 18.39 -12.21
C SER B 306 -4.25 17.78 -12.00
N LYS B 307 -4.12 16.46 -12.20
CA LYS B 307 -2.79 15.86 -12.16
C LYS B 307 -1.90 16.39 -13.29
N ILE B 308 -2.46 16.57 -14.49
CA ILE B 308 -1.67 17.05 -15.63
C ILE B 308 -1.19 18.48 -15.39
N ALA B 309 -2.07 19.34 -14.89
CA ALA B 309 -1.65 20.72 -14.60
C ALA B 309 -0.63 20.77 -13.47
N GLU B 310 -0.66 19.77 -12.57
CA GLU B 310 0.34 19.69 -11.52
C GLU B 310 1.73 19.43 -12.09
N ILE B 311 1.81 18.72 -13.22
CA ILE B 311 3.08 18.21 -13.73
C ILE B 311 3.69 19.18 -14.72
N ILE B 312 2.97 19.47 -15.80
CA ILE B 312 3.48 20.33 -16.86
C ILE B 312 3.73 21.72 -16.29
N GLU B 313 5.01 22.11 -16.26
CA GLU B 313 5.42 23.32 -15.55
C GLU B 313 4.76 24.57 -16.13
N ASP B 314 4.69 24.69 -17.46
CA ASP B 314 4.31 25.96 -18.06
C ASP B 314 2.92 25.89 -18.67
N PRO B 315 2.04 26.85 -18.36
CA PRO B 315 0.60 26.68 -18.64
C PRO B 315 0.22 26.55 -20.12
N GLU B 316 0.92 27.22 -21.05
CA GLU B 316 0.43 27.20 -22.43
C GLU B 316 0.63 25.83 -23.08
N THR B 317 1.64 25.08 -22.67
CA THR B 317 1.74 23.72 -23.18
C THR B 317 0.79 22.80 -22.42
N ALA B 318 0.64 22.99 -21.11
CA ALA B 318 -0.30 22.19 -20.34
C ALA B 318 -1.71 22.28 -20.89
N ARG B 319 -2.08 23.47 -21.37
CA ARG B 319 -3.41 23.64 -21.97
C ARG B 319 -3.53 22.82 -23.26
N LYS B 320 -2.45 22.75 -24.04
CA LYS B 320 -2.50 22.04 -25.32
C LYS B 320 -2.67 20.53 -25.14
N LEU B 321 -2.26 20.01 -23.98
CA LEU B 321 -2.33 18.57 -23.71
C LEU B 321 -3.47 18.21 -22.78
N MET B 322 -4.35 19.16 -22.48
CA MET B 322 -5.46 18.99 -21.54
C MET B 322 -6.61 18.26 -22.21
N PRO B 323 -6.85 16.99 -21.87
CA PRO B 323 -7.96 16.27 -22.49
C PRO B 323 -9.31 16.83 -22.05
N THR B 324 -10.30 16.63 -22.91
CA THR B 324 -11.63 17.19 -22.70
C THR B 324 -12.68 16.17 -23.15
N GLY B 325 -13.82 16.18 -22.48
CA GLY B 325 -14.91 15.30 -22.81
C GLY B 325 -15.03 14.15 -21.86
N LEU B 326 -15.75 13.13 -22.31
CA LEU B 326 -15.92 11.92 -21.51
C LEU B 326 -14.58 11.21 -21.34
N TYR B 327 -14.38 10.60 -20.20
CA TYR B 327 -13.23 9.78 -19.97
C TYR B 327 -13.82 8.46 -20.32
N ALA B 328 -13.68 8.02 -21.55
CA ALA B 328 -14.33 6.80 -21.94
C ALA B 328 -13.68 5.99 -23.03
N LYS B 329 -12.43 5.62 -22.88
CA LYS B 329 -11.82 4.80 -23.90
C LYS B 329 -11.30 3.55 -23.26
N ARG B 330 -10.44 2.82 -23.93
CA ARG B 330 -9.79 1.78 -23.21
C ARG B 330 -8.70 2.51 -22.51
N PRO B 331 -8.77 2.53 -21.19
CA PRO B 331 -7.88 3.29 -20.31
C PRO B 331 -6.39 3.23 -20.67
N LEU B 332 -5.81 4.40 -20.89
CA LEU B 332 -4.40 4.50 -21.28
C LEU B 332 -3.52 4.73 -20.05
N CYS B 333 -2.33 4.14 -20.08
CA CYS B 333 -1.33 4.36 -19.04
C CYS B 333 0.04 4.53 -19.66
N ASP B 334 0.90 5.24 -18.97
CA ASP B 334 2.21 5.63 -19.48
C ASP B 334 3.23 5.60 -18.34
N ASN B 335 4.51 5.62 -18.73
CA ASN B 335 5.62 5.69 -17.79
C ASN B 335 6.26 7.07 -17.82
N GLY B 336 5.50 8.10 -17.46
CA GLY B 336 6.03 9.45 -17.39
C GLY B 336 5.89 10.24 -18.68
N TYR B 337 4.75 10.11 -19.36
CA TYR B 337 4.56 10.75 -20.64
C TYR B 337 4.33 12.25 -20.51
N TYR B 338 3.61 12.69 -19.47
CA TYR B 338 3.36 14.12 -19.31
C TYR B 338 4.62 14.88 -18.93
N GLU B 339 5.47 14.28 -18.09
CA GLU B 339 6.71 14.91 -17.67
C GLU B 339 7.69 15.07 -18.81
N VAL B 340 7.50 14.32 -19.90
CA VAL B 340 8.34 14.45 -21.08
C VAL B 340 8.29 15.87 -21.62
N TYR B 341 7.15 16.54 -21.48
CA TYR B 341 6.97 17.89 -22.03
C TYR B 341 7.60 18.97 -21.17
N ASN B 342 8.18 18.62 -20.02
CA ASN B 342 8.99 19.58 -19.27
C ASN B 342 10.44 19.62 -19.73
N ARG B 343 10.84 18.71 -20.60
CA ARG B 343 12.18 18.74 -21.16
C ARG B 343 12.31 19.88 -22.15
N PRO B 344 13.36 20.70 -22.06
CA PRO B 344 13.57 21.72 -23.10
C PRO B 344 13.81 21.13 -24.47
N ASN B 345 14.11 19.85 -24.52
CA ASN B 345 14.39 19.14 -25.78
C ASN B 345 13.15 18.81 -26.60
N VAL B 346 11.98 19.00 -26.02
CA VAL B 346 10.73 18.68 -26.70
C VAL B 346 9.86 19.93 -26.80
N GLU B 347 9.07 19.97 -27.87
CA GLU B 347 8.07 21.01 -28.06
C GLU B 347 6.81 20.36 -28.61
N ALA B 348 5.66 20.82 -28.13
CA ALA B 348 4.37 20.31 -28.58
C ALA B 348 3.64 21.38 -29.38
N VAL B 349 3.16 21.02 -30.57
CA VAL B 349 2.31 21.88 -31.38
C VAL B 349 0.92 21.27 -31.44
N ALA B 350 -0.09 22.11 -31.37
CA ALA B 350 -1.46 21.66 -31.42
C ALA B 350 -2.05 21.86 -32.76
N ILE B 351 -2.12 20.78 -33.50
CA ILE B 351 -2.67 20.76 -34.83
C ILE B 351 -3.97 21.53 -35.06
N LYS B 352 -4.93 21.42 -34.16
CA LYS B 352 -6.21 22.10 -34.37
C LYS B 352 -6.21 23.62 -34.30
N GLU B 353 -5.17 24.22 -33.73
CA GLU B 353 -5.11 25.67 -33.63
C GLU B 353 -4.00 26.24 -34.46
N ASN B 354 -3.16 25.38 -35.00
CA ASN B 354 -2.01 25.82 -35.77
C ASN B 354 -1.51 24.65 -36.57
N PRO B 355 -2.25 24.30 -37.60
CA PRO B 355 -2.11 23.21 -38.55
C PRO B 355 -0.80 23.07 -39.31
N ILE B 356 -0.77 22.03 -40.12
CA ILE B 356 0.36 21.69 -40.91
C ILE B 356 0.13 22.05 -42.37
N ARG B 357 1.10 22.71 -43.00
CA ARG B 357 0.91 23.05 -44.41
C ARG B 357 1.58 22.02 -45.30
N GLU B 358 2.88 21.85 -45.11
CA GLU B 358 3.59 20.87 -45.90
C GLU B 358 4.85 20.43 -45.20
N VAL B 359 5.56 19.54 -45.87
CA VAL B 359 6.80 19.01 -45.36
C VAL B 359 7.86 19.36 -46.37
N THR B 360 8.96 19.95 -45.90
CA THR B 360 10.02 20.33 -46.82
C THR B 360 11.03 19.20 -46.87
N ALA B 361 12.12 19.42 -47.55
CA ALA B 361 13.09 18.37 -47.64
C ALA B 361 13.77 18.20 -46.30
N LYS B 362 13.95 19.26 -45.55
CA LYS B 362 14.69 19.14 -44.29
C LYS B 362 13.79 19.36 -43.07
N GLY B 363 12.52 19.04 -43.23
CA GLY B 363 11.56 19.24 -42.17
C GLY B 363 10.11 19.42 -42.56
N VAL B 364 9.32 20.05 -41.68
CA VAL B 364 7.91 20.20 -41.99
C VAL B 364 7.45 21.58 -41.58
N VAL B 365 6.64 22.19 -42.42
CA VAL B 365 6.15 23.51 -42.12
C VAL B 365 4.71 23.54 -41.73
N THR B 366 4.49 24.21 -40.61
CA THR B 366 3.15 24.36 -40.09
C THR B 366 2.55 25.62 -40.64
N GLU B 367 1.25 25.83 -40.41
CA GLU B 367 0.51 26.99 -40.95
C GLU B 367 0.68 28.37 -40.29
N ASP B 368 1.74 28.53 -39.51
CA ASP B 368 2.05 29.77 -38.90
C ASP B 368 3.29 30.19 -39.63
N GLY B 369 3.80 29.31 -40.45
CA GLY B 369 5.01 29.63 -41.20
C GLY B 369 6.30 29.49 -40.42
N VAL B 370 6.42 28.46 -39.57
CA VAL B 370 7.66 28.18 -38.87
C VAL B 370 8.19 26.83 -39.37
N LEU B 371 9.51 26.74 -39.48
CA LEU B 371 10.22 25.57 -39.97
C LEU B 371 10.74 24.75 -38.79
N HIS B 372 10.39 23.47 -38.76
CA HIS B 372 10.96 22.52 -37.81
C HIS B 372 11.88 21.59 -38.60
N GLU B 373 13.18 21.77 -38.44
CA GLU B 373 14.13 20.87 -39.12
C GLU B 373 14.11 19.51 -38.43
N LEU B 374 13.95 18.46 -39.24
CA LEU B 374 13.80 17.11 -38.71
C LEU B 374 14.57 16.12 -39.58
N ASP B 375 15.21 15.15 -38.93
CA ASP B 375 15.88 14.06 -39.63
C ASP B 375 14.96 12.86 -39.83
N VAL B 376 14.08 12.59 -38.88
CA VAL B 376 13.16 11.46 -38.93
C VAL B 376 11.77 11.95 -38.54
N LEU B 377 10.75 11.44 -39.22
CA LEU B 377 9.36 11.68 -38.85
C LEU B 377 8.68 10.35 -38.58
N VAL B 378 8.09 10.22 -37.39
CA VAL B 378 7.46 8.98 -36.94
C VAL B 378 5.94 9.15 -37.04
N PHE B 379 5.29 8.17 -37.67
CA PHE B 379 3.83 8.15 -37.79
C PHE B 379 3.28 7.13 -36.81
N ALA B 380 2.78 7.61 -35.68
CA ALA B 380 2.18 6.74 -34.65
C ALA B 380 0.67 6.65 -34.82
N THR B 381 0.23 6.37 -36.03
CA THR B 381 -1.18 6.19 -36.33
C THR B 381 -1.56 4.73 -36.14
N GLY B 382 -2.87 4.48 -36.01
CA GLY B 382 -3.39 3.15 -35.79
C GLY B 382 -3.59 2.39 -37.08
N PHE B 383 -4.51 1.43 -37.03
CA PHE B 383 -4.82 0.58 -38.16
C PHE B 383 -6.30 0.74 -38.48
N ASP B 384 -7.02 -0.37 -38.64
CA ASP B 384 -8.48 -0.32 -38.78
C ASP B 384 -9.10 -1.37 -37.84
N ALA B 385 -10.38 -1.67 -38.08
CA ALA B 385 -11.18 -2.50 -37.19
C ALA B 385 -10.83 -3.97 -37.35
N VAL B 386 -11.57 -4.84 -36.65
CA VAL B 386 -11.28 -6.28 -36.65
C VAL B 386 -11.46 -6.88 -38.05
N ASP B 387 -12.33 -6.27 -38.85
CA ASP B 387 -12.63 -6.74 -40.20
C ASP B 387 -11.50 -6.50 -41.19
N GLY B 388 -10.37 -5.94 -40.74
CA GLY B 388 -9.33 -5.55 -41.68
C GLY B 388 -8.80 -6.73 -42.48
N ASN B 389 -8.41 -7.79 -41.79
CA ASN B 389 -7.93 -8.99 -42.45
C ASN B 389 -9.03 -9.99 -42.74
N TYR B 390 -10.26 -9.56 -42.58
CA TYR B 390 -11.37 -10.42 -42.89
C TYR B 390 -11.91 -10.04 -44.27
N ARG B 391 -11.65 -8.82 -44.70
CA ARG B 391 -12.11 -8.41 -46.00
C ARG B 391 -10.94 -8.39 -46.96
N ARG B 392 -9.75 -8.20 -46.43
CA ARG B 392 -8.55 -8.16 -47.24
C ARG B 392 -8.37 -9.33 -48.19
N ILE B 393 -9.03 -10.45 -47.94
CA ILE B 393 -8.86 -11.61 -48.83
C ILE B 393 -10.23 -12.13 -49.26
N GLU B 394 -10.25 -13.27 -49.95
CA GLU B 394 -11.45 -13.79 -50.60
C GLU B 394 -12.02 -14.95 -49.79
N ILE B 395 -13.07 -14.67 -49.03
CA ILE B 395 -13.76 -15.68 -48.23
C ILE B 395 -15.21 -15.71 -48.66
N ARG B 396 -15.66 -16.88 -49.13
CA ARG B 396 -17.03 -17.09 -49.56
C ARG B 396 -17.55 -18.38 -48.94
N GLY B 397 -18.80 -18.35 -48.48
CA GLY B 397 -19.42 -19.52 -47.88
C GLY B 397 -20.49 -20.15 -48.76
N ARG B 398 -21.65 -20.43 -48.17
CA ARG B 398 -22.76 -21.00 -48.94
C ARG B 398 -23.21 -20.04 -50.03
N ASN B 399 -23.47 -20.59 -51.22
CA ASN B 399 -23.82 -19.83 -52.42
C ASN B 399 -22.69 -18.92 -52.88
N GLY B 400 -21.48 -19.18 -52.41
CA GLY B 400 -20.35 -18.33 -52.76
C GLY B 400 -20.52 -16.89 -52.33
N LEU B 401 -21.29 -16.63 -51.27
CA LEU B 401 -21.52 -15.27 -50.82
C LEU B 401 -20.26 -14.74 -50.14
N HIS B 402 -19.80 -13.57 -50.59
CA HIS B 402 -18.58 -13.00 -50.05
C HIS B 402 -18.78 -12.56 -48.60
N ILE B 403 -17.68 -12.55 -47.85
CA ILE B 403 -17.76 -12.14 -46.45
C ILE B 403 -18.00 -10.64 -46.34
N ASN B 404 -17.53 -9.85 -47.32
CA ASN B 404 -17.85 -8.43 -47.30
C ASN B 404 -19.33 -8.20 -47.59
N ASP B 405 -19.87 -8.89 -48.60
CA ASP B 405 -21.30 -8.84 -48.84
C ASP B 405 -22.10 -9.48 -47.70
N HIS B 406 -21.48 -10.40 -46.96
CA HIS B 406 -22.11 -10.95 -45.76
C HIS B 406 -22.39 -9.84 -44.75
N TRP B 407 -21.41 -8.98 -44.52
CA TRP B 407 -21.53 -7.82 -43.63
C TRP B 407 -21.56 -6.56 -44.47
N ASP B 408 -22.72 -6.25 -45.04
CA ASP B 408 -22.80 -5.04 -45.83
C ASP B 408 -22.52 -3.82 -44.95
N GLY B 409 -23.17 -3.72 -43.81
CA GLY B 409 -22.89 -2.59 -42.95
C GLY B 409 -21.68 -2.88 -42.09
N GLN B 410 -22.00 -3.35 -40.90
CA GLN B 410 -20.98 -3.63 -39.92
C GLN B 410 -20.87 -5.07 -39.64
N PRO B 411 -19.72 -5.50 -39.21
CA PRO B 411 -19.51 -6.90 -38.88
C PRO B 411 -20.39 -7.40 -37.78
N THR B 412 -20.75 -8.66 -37.86
CA THR B 412 -21.64 -9.29 -36.91
C THR B 412 -21.18 -10.69 -36.60
N SER B 413 -21.74 -11.30 -35.56
CA SER B 413 -21.34 -12.63 -35.15
C SER B 413 -22.36 -13.20 -34.18
N TYR B 414 -22.21 -14.49 -33.88
CA TYR B 414 -22.95 -15.18 -32.84
C TYR B 414 -21.95 -15.68 -31.80
N LEU B 415 -22.06 -15.16 -30.58
CA LEU B 415 -21.13 -15.46 -29.47
C LEU B 415 -19.69 -15.06 -29.79
N GLY B 416 -19.49 -14.22 -30.81
CA GLY B 416 -18.18 -13.72 -31.15
C GLY B 416 -17.28 -14.67 -31.92
N VAL B 417 -17.74 -15.88 -32.26
CA VAL B 417 -16.85 -16.90 -32.82
C VAL B 417 -17.44 -17.51 -34.09
N THR B 418 -18.73 -17.28 -34.36
CA THR B 418 -19.38 -17.82 -35.54
C THR B 418 -20.15 -16.72 -36.26
N THR B 419 -20.66 -17.07 -37.44
CA THR B 419 -21.52 -16.18 -38.21
C THR B 419 -22.26 -17.00 -39.25
N ALA B 420 -23.47 -16.56 -39.57
CA ALA B 420 -24.35 -17.32 -40.46
C ALA B 420 -23.73 -17.49 -41.84
N ASN B 421 -24.20 -18.51 -42.55
CA ASN B 421 -23.80 -18.83 -43.92
C ASN B 421 -22.34 -19.26 -44.05
N PHE B 422 -21.61 -19.39 -42.94
CA PHE B 422 -20.21 -19.82 -42.96
C PHE B 422 -20.05 -21.00 -42.01
N PRO B 423 -20.34 -22.20 -42.48
CA PRO B 423 -20.30 -23.37 -41.61
C PRO B 423 -18.89 -23.93 -41.44
N ASN B 424 -18.64 -24.47 -40.24
CA ASN B 424 -17.33 -24.99 -39.83
C ASN B 424 -16.26 -23.91 -39.90
N TRP B 425 -16.66 -22.67 -39.65
CA TRP B 425 -15.83 -21.48 -39.84
C TRP B 425 -15.82 -20.71 -38.52
N PHE B 426 -14.62 -20.45 -37.99
CA PHE B 426 -14.49 -19.92 -36.64
C PHE B 426 -13.60 -18.69 -36.60
N MET B 427 -13.87 -17.83 -35.61
CA MET B 427 -13.18 -16.57 -35.41
C MET B 427 -12.68 -16.49 -33.97
N VAL B 428 -11.36 -16.39 -33.79
CA VAL B 428 -10.78 -16.06 -32.49
C VAL B 428 -10.66 -14.55 -32.41
N LEU B 429 -11.32 -13.96 -31.41
CA LEU B 429 -11.41 -12.51 -31.25
C LEU B 429 -12.08 -11.88 -32.47
N GLY B 430 -13.22 -12.43 -32.86
CA GLY B 430 -14.02 -11.87 -33.91
C GLY B 430 -14.90 -10.75 -33.38
N PRO B 431 -15.81 -10.25 -34.23
CA PRO B 431 -16.68 -9.14 -33.83
C PRO B 431 -17.60 -9.51 -32.68
N ASN B 432 -18.14 -8.48 -32.04
CA ASN B 432 -19.09 -8.63 -30.93
C ASN B 432 -18.56 -9.56 -29.85
N GLY B 433 -17.25 -9.53 -29.63
CA GLY B 433 -16.62 -10.31 -28.59
C GLY B 433 -16.33 -9.47 -27.38
N PRO B 434 -15.72 -10.06 -26.36
CA PRO B 434 -15.49 -9.34 -25.10
C PRO B 434 -14.32 -8.37 -25.20
N ALA B 435 -14.45 -7.24 -24.51
CA ALA B 435 -13.40 -6.24 -24.39
C ALA B 435 -12.78 -6.40 -23.00
N THR B 436 -11.56 -6.93 -22.95
CA THR B 436 -11.03 -7.47 -21.71
C THR B 436 -9.51 -7.57 -21.80
N ASN B 437 -8.91 -8.17 -20.77
CA ASN B 437 -7.55 -8.69 -20.88
C ASN B 437 -7.60 -9.96 -21.73
N LEU B 438 -6.91 -9.92 -22.86
CA LEU B 438 -7.27 -10.84 -23.94
C LEU B 438 -6.73 -12.26 -23.79
N PRO B 439 -5.48 -12.49 -23.34
CA PRO B 439 -4.96 -13.87 -23.31
C PRO B 439 -5.92 -14.84 -22.64
N PRO B 440 -6.49 -14.54 -21.46
CA PRO B 440 -7.46 -15.49 -20.88
C PRO B 440 -8.76 -15.58 -21.68
N SER B 441 -9.12 -14.53 -22.43
CA SER B 441 -10.30 -14.59 -23.28
C SER B 441 -10.03 -15.36 -24.58
N ILE B 442 -8.81 -15.25 -25.13
CA ILE B 442 -8.42 -16.10 -26.25
C ILE B 442 -8.51 -17.57 -25.86
N GLU B 443 -7.97 -17.92 -24.68
CA GLU B 443 -8.06 -19.31 -24.21
C GLU B 443 -9.51 -19.76 -24.12
N THR B 444 -10.39 -18.90 -23.61
CA THR B 444 -11.81 -19.21 -23.50
C THR B 444 -12.39 -19.61 -24.85
N GLN B 445 -12.22 -18.76 -25.87
CA GLN B 445 -12.82 -19.04 -27.17
C GLN B 445 -12.18 -20.26 -27.82
N VAL B 446 -10.85 -20.36 -27.78
CA VAL B 446 -10.17 -21.47 -28.45
C VAL B 446 -10.61 -22.80 -27.83
N GLU B 447 -10.63 -22.86 -26.50
CA GLU B 447 -11.12 -24.07 -25.84
C GLU B 447 -12.54 -24.41 -26.26
N TRP B 448 -13.40 -23.39 -26.33
CA TRP B 448 -14.76 -23.61 -26.81
C TRP B 448 -14.75 -24.15 -28.24
N ILE B 449 -14.01 -23.48 -29.13
CA ILE B 449 -13.92 -23.91 -30.53
C ILE B 449 -13.42 -25.35 -30.60
N SER B 450 -12.42 -25.69 -29.80
CA SER B 450 -11.91 -27.06 -29.78
C SER B 450 -12.96 -28.03 -29.25
N ASP B 451 -13.79 -27.58 -28.30
CA ASP B 451 -14.85 -28.44 -27.77
C ASP B 451 -15.87 -28.78 -28.85
N THR B 452 -16.37 -27.76 -29.55
CA THR B 452 -17.44 -28.03 -30.51
C THR B 452 -16.95 -28.87 -31.70
N VAL B 453 -15.67 -28.77 -32.06
CA VAL B 453 -15.15 -29.60 -33.15
C VAL B 453 -15.03 -31.05 -32.67
N ALA B 454 -14.50 -31.25 -31.47
CA ALA B 454 -14.48 -32.59 -30.88
C ALA B 454 -15.89 -33.14 -30.72
N TYR B 455 -16.88 -32.25 -30.58
CA TYR B 455 -18.27 -32.68 -30.50
C TYR B 455 -18.75 -33.24 -31.84
N ALA B 456 -18.40 -32.58 -32.94
CA ALA B 456 -18.88 -33.03 -34.25
C ALA B 456 -18.15 -34.29 -34.70
N GLU B 457 -16.87 -34.42 -34.37
CA GLU B 457 -16.06 -35.54 -34.82
C GLU B 457 -16.29 -36.80 -33.98
N ARG B 458 -17.25 -36.80 -33.08
CA ARG B 458 -17.69 -38.01 -32.39
C ARG B 458 -19.19 -38.24 -32.46
N ASN B 459 -20.00 -37.20 -32.66
CA ASN B 459 -21.44 -37.35 -32.86
C ASN B 459 -21.83 -37.41 -34.33
N GLU B 460 -20.85 -37.57 -35.23
CA GLU B 460 -21.09 -37.76 -36.66
C GLU B 460 -21.90 -36.60 -37.25
N ILE B 461 -21.21 -35.47 -37.38
CA ILE B 461 -21.79 -34.25 -37.93
C ILE B 461 -20.87 -33.74 -39.03
N ARG B 462 -21.47 -33.19 -40.10
CA ARG B 462 -20.68 -32.70 -41.22
C ARG B 462 -20.68 -31.18 -41.34
N ALA B 463 -21.61 -30.48 -40.70
CA ALA B 463 -21.69 -29.03 -40.83
C ALA B 463 -22.42 -28.45 -39.63
N ILE B 464 -22.00 -27.26 -39.21
CA ILE B 464 -22.68 -26.52 -38.16
C ILE B 464 -22.54 -25.04 -38.47
N GLU B 465 -23.58 -24.27 -38.17
CA GLU B 465 -23.57 -22.82 -38.38
C GLU B 465 -24.70 -22.21 -37.56
N PRO B 466 -24.57 -20.96 -37.14
CA PRO B 466 -25.64 -20.32 -36.37
C PRO B 466 -26.76 -19.83 -37.24
N THR B 467 -27.96 -19.81 -36.67
CA THR B 467 -29.13 -19.32 -37.38
C THR B 467 -29.09 -17.80 -37.47
N PRO B 468 -29.68 -17.23 -38.53
CA PRO B 468 -29.88 -15.77 -38.53
C PRO B 468 -30.65 -15.26 -37.32
N GLU B 469 -31.55 -16.09 -36.79
CA GLU B 469 -32.31 -15.71 -35.60
C GLU B 469 -31.41 -15.62 -34.38
N ALA B 470 -30.42 -16.53 -34.28
CA ALA B 470 -29.49 -16.49 -33.17
C ALA B 470 -28.52 -15.32 -33.31
N GLU B 471 -28.08 -15.02 -34.53
CA GLU B 471 -27.18 -13.89 -34.75
C GLU B 471 -27.87 -12.58 -34.40
N GLU B 472 -29.10 -12.39 -34.90
CA GLU B 472 -29.86 -11.19 -34.55
C GLU B 472 -30.10 -11.08 -33.06
N GLU B 473 -30.28 -12.22 -32.38
CA GLU B 473 -30.44 -12.21 -30.93
C GLU B 473 -29.17 -11.72 -30.24
N TRP B 474 -28.02 -12.20 -30.69
CA TRP B 474 -26.75 -11.86 -30.03
C TRP B 474 -26.35 -10.41 -30.28
N THR B 475 -26.83 -9.81 -31.38
CA THR B 475 -26.47 -8.42 -31.67
C THR B 475 -27.20 -7.45 -30.74
N GLN B 476 -28.46 -7.73 -30.41
CA GLN B 476 -29.20 -6.79 -29.58
C GLN B 476 -28.78 -6.86 -28.12
N THR B 477 -28.43 -8.04 -27.61
CA THR B 477 -27.93 -8.11 -26.24
C THR B 477 -26.61 -7.37 -26.10
N CYS B 478 -25.76 -7.43 -27.14
CA CYS B 478 -24.56 -6.61 -27.15
C CYS B 478 -24.90 -5.13 -27.22
N THR B 479 -25.99 -4.79 -27.92
CA THR B 479 -26.41 -3.40 -28.01
C THR B 479 -27.04 -2.92 -26.71
N ASP B 480 -27.91 -3.73 -26.10
CA ASP B 480 -28.58 -3.33 -24.87
C ASP B 480 -27.58 -3.11 -23.74
N ILE B 481 -26.59 -4.01 -23.63
CA ILE B 481 -25.56 -3.83 -22.60
C ILE B 481 -24.75 -2.57 -22.87
N ALA B 482 -24.38 -2.34 -24.13
CA ALA B 482 -23.62 -1.14 -24.47
C ALA B 482 -24.44 0.14 -24.22
N ASN B 483 -25.75 0.08 -24.44
CA ASN B 483 -26.60 1.26 -24.26
C ASN B 483 -26.79 1.63 -22.80
N ALA B 484 -26.30 0.81 -21.86
CA ALA B 484 -26.36 1.14 -20.44
C ALA B 484 -25.12 1.87 -19.95
N THR B 485 -24.19 2.22 -20.84
CA THR B 485 -22.96 2.88 -20.48
C THR B 485 -22.90 4.27 -21.13
N LEU B 486 -21.76 4.91 -21.02
CA LEU B 486 -21.55 6.21 -21.61
C LEU B 486 -20.61 6.13 -22.79
N PHE B 487 -20.14 4.92 -23.07
CA PHE B 487 -19.22 4.72 -24.15
C PHE B 487 -19.83 5.20 -25.45
N THR B 488 -21.07 4.82 -25.72
CA THR B 488 -21.76 5.21 -26.94
C THR B 488 -21.70 6.67 -27.35
N ARG B 489 -21.78 7.59 -26.40
CA ARG B 489 -21.76 9.00 -26.77
C ARG B 489 -20.46 9.37 -27.48
N GLY B 490 -20.59 9.99 -28.64
CA GLY B 490 -19.46 10.47 -29.40
C GLY B 490 -18.97 9.55 -30.48
N ASP B 491 -17.66 9.53 -30.65
CA ASP B 491 -17.02 8.68 -31.64
C ASP B 491 -16.32 7.51 -30.96
N SER B 492 -17.13 6.62 -30.40
CA SER B 492 -16.65 5.47 -29.67
C SER B 492 -16.27 4.35 -30.56
N TRP B 493 -15.77 3.29 -29.91
CA TRP B 493 -15.39 2.11 -30.62
C TRP B 493 -16.72 1.52 -31.05
N ILE B 494 -17.00 1.79 -32.33
CA ILE B 494 -18.19 1.40 -33.03
C ILE B 494 -17.87 1.53 -34.54
N PHE B 495 -18.83 1.20 -35.39
CA PHE B 495 -18.59 1.34 -36.81
C PHE B 495 -19.57 2.35 -37.39
N PRO B 504 -23.84 3.72 -36.42
CA PRO B 504 -24.60 3.03 -35.38
C PRO B 504 -24.51 1.54 -35.55
N SER B 505 -23.55 0.89 -34.88
CA SER B 505 -23.33 -0.55 -34.96
C SER B 505 -22.36 -1.06 -33.91
N VAL B 506 -22.84 -1.46 -32.75
CA VAL B 506 -22.02 -1.94 -31.64
C VAL B 506 -21.02 -2.99 -32.03
N LEU B 507 -19.82 -2.95 -31.49
CA LEU B 507 -18.86 -3.95 -31.88
C LEU B 507 -18.27 -4.79 -30.76
N PHE B 508 -18.74 -4.67 -29.53
CA PHE B 508 -18.17 -5.45 -28.45
C PHE B 508 -19.16 -5.89 -27.39
N TYR B 509 -18.91 -7.03 -26.77
CA TYR B 509 -19.76 -7.49 -25.70
C TYR B 509 -19.15 -6.90 -24.47
N LEU B 510 -19.85 -6.01 -23.80
CA LEU B 510 -19.32 -5.33 -22.66
C LEU B 510 -19.69 -5.85 -21.30
N GLY B 511 -20.05 -7.11 -21.19
CA GLY B 511 -20.43 -7.62 -19.91
C GLY B 511 -19.33 -8.25 -19.10
N GLY B 512 -18.12 -8.22 -19.59
CA GLY B 512 -17.00 -8.82 -18.89
C GLY B 512 -16.83 -10.30 -19.19
N LEU B 513 -15.65 -10.83 -18.85
CA LEU B 513 -15.32 -12.22 -19.20
C LEU B 513 -16.09 -13.21 -18.32
N GLY B 514 -16.39 -12.85 -17.08
CA GLY B 514 -17.15 -13.75 -16.22
C GLY B 514 -18.51 -14.08 -16.80
N ASN B 515 -19.26 -13.05 -17.21
CA ASN B 515 -20.55 -13.27 -17.86
C ASN B 515 -20.39 -13.95 -19.23
N TYR B 516 -19.32 -13.64 -19.95
CA TYR B 516 -19.10 -14.26 -21.27
C TYR B 516 -18.91 -15.77 -21.13
N ARG B 517 -18.08 -16.20 -20.19
CA ARG B 517 -17.87 -17.62 -20.00
C ARG B 517 -19.17 -18.33 -19.60
N ASN B 518 -20.11 -17.61 -18.99
CA ASN B 518 -21.38 -18.20 -18.55
C ASN B 518 -22.34 -18.41 -19.71
N VAL B 519 -22.44 -17.43 -20.61
CA VAL B 519 -23.34 -17.61 -21.75
C VAL B 519 -22.84 -18.75 -22.64
N LEU B 520 -21.52 -18.82 -22.84
CA LEU B 520 -20.96 -19.93 -23.61
C LEU B 520 -21.23 -21.27 -22.94
N ALA B 521 -21.21 -21.29 -21.60
CA ALA B 521 -21.50 -22.54 -20.89
C ALA B 521 -22.97 -22.90 -21.00
N GLY B 522 -23.87 -21.91 -20.98
CA GLY B 522 -25.28 -22.19 -21.12
C GLY B 522 -25.66 -22.62 -22.52
N VAL B 523 -24.94 -22.12 -23.52
CA VAL B 523 -25.20 -22.53 -24.91
C VAL B 523 -24.91 -24.01 -25.10
N VAL B 524 -23.79 -24.49 -24.54
CA VAL B 524 -23.42 -25.88 -24.71
C VAL B 524 -24.36 -26.79 -23.92
N ALA B 525 -24.72 -26.37 -22.70
CA ALA B 525 -25.62 -27.19 -21.89
C ALA B 525 -27.00 -27.28 -22.51
N ASP B 526 -27.41 -26.28 -23.29
CA ASP B 526 -28.68 -26.32 -23.99
C ASP B 526 -28.55 -27.06 -25.31
N SER B 527 -27.59 -27.99 -25.38
CA SER B 527 -27.28 -28.75 -26.60
C SER B 527 -27.10 -27.82 -27.79
N TYR B 528 -26.24 -26.81 -27.62
CA TYR B 528 -25.81 -25.90 -28.67
C TYR B 528 -26.98 -25.09 -29.25
N ARG B 529 -27.68 -24.41 -28.34
CA ARG B 529 -28.81 -23.57 -28.73
C ARG B 529 -28.37 -22.45 -29.67
N GLY B 530 -29.11 -22.28 -30.76
CA GLY B 530 -28.80 -21.27 -31.75
C GLY B 530 -28.07 -21.78 -32.97
N PHE B 531 -27.58 -23.02 -32.94
CA PHE B 531 -26.89 -23.62 -34.06
C PHE B 531 -27.77 -24.66 -34.73
N GLU B 532 -27.52 -24.88 -36.01
CA GLU B 532 -28.14 -25.97 -36.76
C GLU B 532 -27.04 -26.93 -37.19
N LEU B 533 -27.24 -28.21 -36.93
CA LEU B 533 -26.24 -29.24 -37.18
C LEU B 533 -26.78 -30.22 -38.20
N LYS B 534 -25.93 -30.65 -39.12
CA LYS B 534 -26.36 -31.48 -40.23
C LYS B 534 -25.44 -32.68 -40.38
N SER B 535 -26.04 -33.87 -40.51
CA SER B 535 -25.31 -35.10 -40.79
C SER B 535 -25.92 -35.77 -42.02
N ALA B 536 -25.87 -37.09 -42.08
CA ALA B 536 -26.50 -37.83 -43.18
C ALA B 536 -27.66 -38.69 -42.66
PA FAD C . 0.92 8.71 34.09
O1A FAD C . 0.22 9.23 32.89
O2A FAD C . 2.41 8.96 34.10
O5B FAD C . 0.27 9.44 35.40
C5B FAD C . 0.78 9.13 36.71
C4B FAD C . 0.34 10.24 37.62
O4B FAD C . 0.63 9.91 38.99
C3B FAD C . 0.98 11.60 37.33
O3B FAD C . 0.05 12.54 36.82
C2B FAD C . 1.61 12.01 38.68
O2B FAD C . 1.40 13.38 38.99
C1B FAD C . 0.87 11.12 39.69
N9A FAD C . 1.65 10.82 40.89
C8A FAD C . 2.84 10.15 40.95
N7A FAD C . 3.32 10.02 42.17
C5A FAD C . 2.37 10.64 42.96
C6A FAD C . 2.26 10.84 44.35
N6A FAD C . 3.19 10.43 45.23
N1A FAD C . 1.18 11.48 44.83
C2A FAD C . 0.26 11.92 43.95
N3A FAD C . 0.25 11.79 42.62
C4A FAD C . 1.32 11.14 42.19
N1 FAD C . 3.15 5.08 25.67
C2 FAD C . 2.64 4.25 24.72
O2 FAD C . 2.53 3.04 24.91
N3 FAD C . 2.25 4.78 23.51
C4 FAD C . 2.38 6.10 23.12
O4 FAD C . 1.87 6.48 22.06
C4X FAD C . 2.99 6.95 24.11
N5 FAD C . 3.24 8.18 23.79
C5X FAD C . 3.84 9.01 24.74
C6 FAD C . 4.17 10.31 24.40
C7 FAD C . 4.77 11.16 25.33
C7M FAD C . 5.10 12.57 24.92
C8 FAD C . 5.05 10.70 26.62
C8M FAD C . 5.68 11.59 27.64
C9 FAD C . 4.73 9.39 26.96
C9A FAD C . 4.13 8.54 26.03
N10 FAD C . 3.82 7.20 26.34
C10 FAD C . 3.31 6.36 25.38
C1' FAD C . 3.91 6.76 27.74
C2' FAD C . 2.73 6.00 28.35
O2' FAD C . 1.52 6.29 27.64
C3' FAD C . 2.53 6.33 29.83
O3' FAD C . 3.60 5.76 30.58
C4' FAD C . 1.21 5.79 30.34
O4' FAD C . 0.13 6.56 29.82
C5' FAD C . 1.15 5.76 31.85
O5' FAD C . -0.21 5.95 32.24
P FAD C . -0.37 6.08 33.81
O1P FAD C . -1.74 6.52 34.15
O2P FAD C . 0.07 4.73 34.39
O3P FAD C . 0.74 7.15 34.26
PA NAP D . 15.65 10.54 26.88
O1A NAP D . 15.33 9.41 25.98
O2A NAP D . 16.40 10.05 28.11
O5B NAP D . 16.59 11.67 26.17
C5B NAP D . 17.40 12.61 26.91
C4B NAP D . 18.29 13.30 25.92
O4B NAP D . 19.06 14.33 26.59
C3B NAP D . 19.31 12.39 25.23
O3B NAP D . 19.57 12.84 23.91
C2B NAP D . 20.53 12.55 26.13
O2B NAP D . 21.75 12.15 25.48
C1B NAP D . 20.45 14.05 26.45
N9A NAP D . 21.12 14.41 27.69
C8A NAP D . 20.81 13.99 28.97
N7A NAP D . 21.61 14.46 29.90
C5A NAP D . 22.52 15.24 29.18
C6A NAP D . 23.63 15.99 29.59
N6A NAP D . 24.02 16.13 30.86
N1A NAP D . 24.34 16.63 28.63
C2A NAP D . 23.94 16.51 27.36
N3A NAP D . 22.90 15.83 26.86
C4A NAP D . 22.23 15.21 27.83
O3 NAP D . 14.29 11.27 27.31
PN NAP D . 13.33 12.34 26.62
O1N NAP D . 13.93 12.79 25.35
O2N NAP D . 12.93 13.34 27.64
O5D NAP D . 12.05 11.46 26.24
C5D NAP D . 12.13 10.03 26.31
C4D NAP D . 11.25 9.55 27.45
O4D NAP D . 9.87 9.44 27.00
C3D NAP D . 11.61 8.18 28.02
O3D NAP D . 11.39 8.15 29.43
C2D NAP D . 10.67 7.24 27.27
O2D NAP D . 10.40 6.05 28.00
C1D NAP D . 9.42 8.12 27.18
N1N NAP D . 8.47 7.77 26.00
C2N NAP D . 8.03 6.49 26.01
C3N NAP D . 7.19 6.03 25.01
C7N NAP D . 6.74 4.60 25.05
O7N NAP D . 6.00 4.17 24.14
N7N NAP D . 7.16 3.83 26.05
C4N NAP D . 6.82 6.91 24.00
C5N NAP D . 7.28 8.21 24.01
C6N NAP D . 8.11 8.63 25.03
P2B NAP D . 22.44 10.71 25.75
O1X NAP D . 21.56 9.60 25.29
O2X NAP D . 23.78 10.73 25.02
O3X NAP D . 22.74 10.63 27.26
PA FAD E . -2.29 -11.13 -33.52
O1A FAD E . -1.22 -11.09 -32.50
O2A FAD E . -2.58 -9.80 -34.20
O5B FAD E . -1.91 -12.27 -34.63
C5B FAD E . -2.51 -12.21 -35.94
C4B FAD E . -1.51 -12.76 -36.94
O4B FAD E . -2.19 -13.21 -38.12
C3B FAD E . -0.43 -11.77 -37.40
O3B FAD E . 0.86 -12.32 -37.22
C2B FAD E . -0.76 -11.53 -38.88
O2B FAD E . 0.39 -11.32 -39.68
C1B FAD E . -1.43 -12.86 -39.24
N9A FAD E . -2.30 -12.80 -40.41
C8A FAD E . -3.38 -11.98 -40.60
N7A FAD E . -4.01 -12.18 -41.73
C5A FAD E . -3.30 -13.20 -42.33
C6A FAD E . -3.45 -13.87 -43.56
N6A FAD E . -4.42 -13.61 -44.44
N1A FAD E . -2.56 -14.84 -43.86
C2A FAD E . -1.59 -15.11 -42.99
N3A FAD E . -1.35 -14.55 -41.80
C4A FAD E . -2.24 -13.59 -41.54
N1 FAD E . -4.07 -6.87 -24.94
C2 FAD E . -4.27 -7.16 -23.62
O2 FAD E . -5.27 -7.79 -23.24
N3 FAD E . -3.35 -6.75 -22.67
C4 FAD E . -2.19 -6.04 -22.93
O4 FAD E . -1.42 -5.78 -22.01
C4X FAD E . -1.98 -5.72 -24.33
N5 FAD E . -0.95 -5.01 -24.66
C5X FAD E . -0.78 -4.66 -26.00
C6 FAD E . 0.29 -3.86 -26.36
C7 FAD E . 0.48 -3.46 -27.68
C7M FAD E . 1.66 -2.58 -28.03
C8 FAD E . -0.41 -3.90 -28.67
C8M FAD E . -0.24 -3.48 -30.11
C9 FAD E . -1.48 -4.72 -28.32
C9A FAD E . -1.68 -5.10 -26.99
N10 FAD E . -2.76 -5.89 -26.60
C10 FAD E . -2.98 -6.20 -25.28
C1' FAD E . -3.62 -6.48 -27.65
C2' FAD E . -3.84 -7.99 -27.65
O2' FAD E . -2.76 -8.65 -26.99
C3' FAD E . -4.00 -8.54 -29.06
O3' FAD E . -5.29 -8.22 -29.55
C4' FAD E . -3.82 -10.06 -29.08
O4' FAD E . -2.44 -10.37 -28.88
C5' FAD E . -4.30 -10.68 -30.37
O5' FAD E . -3.67 -11.96 -30.48
P FAD E . -4.04 -12.75 -31.83
O1P FAD E . -3.25 -14.00 -31.93
O2P FAD E . -5.55 -12.94 -31.85
O3P FAD E . -3.68 -11.67 -32.94
PA NAP F . -4.80 5.02 -32.35
O1A NAP F . -5.14 4.71 -30.94
O2A NAP F . -5.89 4.50 -33.29
O5B NAP F . -4.60 6.60 -32.63
C5B NAP F . -3.75 7.11 -33.67
C4B NAP F . -3.20 8.44 -33.21
O4B NAP F . -2.72 9.19 -34.35
C3B NAP F . -4.21 9.34 -32.51
O3B NAP F . -3.54 10.25 -31.65
C2B NAP F . -4.80 10.06 -33.72
O2B NAP F . -5.58 11.23 -33.37
C1B NAP F . -3.51 10.35 -34.50
N9A NAP F . -3.74 10.59 -35.92
C8A NAP F . -4.26 9.71 -36.84
N7A NAP F . -4.37 10.19 -38.04
C5A NAP F . -3.90 11.49 -37.93
C6A NAP F . -3.76 12.55 -38.84
N6A NAP F . -4.11 12.45 -40.12
N1A NAP F . -3.27 13.72 -38.39
C2A NAP F . -2.93 13.82 -37.10
N3A NAP F . -3.00 12.90 -36.14
C4A NAP F . -3.50 11.75 -36.62
O3 NAP F . -3.42 4.31 -32.75
PN NAP F . -2.36 3.39 -31.98
O1N NAP F . -1.96 4.08 -30.73
O2N NAP F . -1.32 2.97 -32.94
O5D NAP F . -3.26 2.14 -31.58
C5D NAP F . -3.59 1.16 -32.60
C4D NAP F . -4.52 0.12 -32.03
O4D NAP F . -3.81 -0.71 -31.08
C3D NAP F . -5.76 0.66 -31.32
O3D NAP F . -6.94 0.02 -31.78
C2D NAP F . -5.49 0.34 -29.85
O2D NAP F . -6.68 0.09 -29.12
C1D NAP F . -4.64 -0.91 -29.97
N1N NAP F . -3.75 -1.20 -28.74
C2N NAP F . -4.32 -2.00 -27.82
C3N NAP F . -3.66 -2.27 -26.63
C7N NAP F . -4.30 -3.18 -25.62
O7N NAP F . -3.73 -3.39 -24.55
N7N NAP F . -5.49 -3.70 -25.93
C4N NAP F . -2.41 -1.73 -26.43
C5N NAP F . -1.83 -0.93 -27.41
C6N NAP F . -2.52 -0.68 -28.57
P2B NAP F . -7.19 11.18 -33.41
O1X NAP F . -7.72 10.68 -32.10
O2X NAP F . -7.66 12.61 -33.75
O3X NAP F . -7.55 10.28 -34.59
#